data_9E3C
#
_entry.id   9E3C
#
_cell.length_a   1.00
_cell.length_b   1.00
_cell.length_c   1.00
_cell.angle_alpha   90.00
_cell.angle_beta   90.00
_cell.angle_gamma   90.00
#
_symmetry.space_group_name_H-M   'P 1'
#
loop_
_entity.id
_entity.type
_entity.pdbx_description
1 polymer 'Protein arginine N-methyltransferase 5'
2 polymer 'Small nuclear ribonucleoprotein Sm D1'
3 non-polymer SINEFUNGIN
#
loop_
_entity_poly.entity_id
_entity_poly.type
_entity_poly.pdbx_seq_one_letter_code
_entity_poly.pdbx_strand_id
1 'polypeptide(L)'
;MAAMAVGGAGGSRVSSGRDLNCVPEIADTLGAVAKQGFDFLCMPVFHPRFKREFIQEPAKNRPGPQTRSDLLLSGRDWNT
LIVGKLSPWIRPDSKVEKIRRNSEAAMLQELNFGAYLGLPAFLLPLNQEDNTNLARVLTNHIHTGHHSSMFWMRVPLVAP
EDLRDDIIENAPTTHTEEYSGEEKTWMWWHNFRTLCDYSKRIAVALEIGADLPSNHVIDRWLGEPIKAAILPTSIFLTNK
KGFPVLSKMHQRLIFRLLKLEVQFIITGTNHHSEKEFCSYLQYLEYLSQNRPPPNAYELFAKGYEDYLQSPLQPLMDNLE
SQTYEVFEKDPIKYSQYQQAIYKCLLDRVPEEEKDTNVQVLMVLGAGRGPLVNASLRAAKQADRRIKLYAVEKNPNAVVT
LENWQFEEWGSQVTVVSSDMREWVAPEKADIIVSELLGSFADNELSPECLDGAQHFLKDDGVSIPGEYTSFLAPISSSKL
YNEVRACREKDRDPEAQFEMPYVVRLHNFHQLSAPQPCFTFSHPNRDPMIDNNRYCTLEFPVEVNTVLHGFAGYFETVLY
QDITLSIRPETHSPGMFSWFPILFPIKQPITVREGQTICVRFWRCSNSKKVWYEWAVTAPVCSAIHNPTGRSYTIGL
;
J
2 'polypeptide(L)'
;GGGSGGGGRMKLVRFLMKLSHETVTIELKNGTQVHGTITGVDVSMNTHLKAVKMTLKNREPVQLETLSIRGNNIRYFILP
DSLPLDTLLVDVEPKVKSKKREAVAGRGRGRGRGRGRGRGRGRGGPRR
;
M
#
loop_
_chem_comp.id
_chem_comp.type
_chem_comp.name
_chem_comp.formula
SFG non-polymer SINEFUNGIN 'C15 H23 N7 O5'
#
# COMPACT_ATOMS: atom_id res chain seq x y z
N ARG A 13 -15.30 12.70 6.53
CA ARG A 13 -15.19 13.70 7.59
C ARG A 13 -13.80 13.61 8.21
N VAL A 14 -13.00 14.67 8.04
CA VAL A 14 -11.63 14.65 8.51
C VAL A 14 -11.61 14.73 10.03
N SER A 15 -10.83 13.84 10.65
CA SER A 15 -10.68 13.84 12.10
C SER A 15 -9.49 14.69 12.48
N SER A 16 -9.71 15.71 13.31
CA SER A 16 -8.67 16.65 13.68
C SER A 16 -8.78 16.95 15.17
N GLY A 17 -7.63 17.33 15.76
CA GLY A 17 -7.56 17.63 17.17
C GLY A 17 -6.92 18.96 17.45
N ARG A 18 -6.67 19.25 18.74
CA ARG A 18 -6.09 20.51 19.18
C ARG A 18 -4.86 20.23 20.01
N ASP A 19 -3.84 21.07 19.87
CA ASP A 19 -2.61 20.97 20.65
C ASP A 19 -2.50 22.19 21.55
N LEU A 20 -2.32 21.95 22.85
CA LEU A 20 -2.24 23.02 23.83
C LEU A 20 -1.08 22.75 24.78
N ASN A 21 -0.57 23.82 25.36
CA ASN A 21 0.43 23.75 26.42
C ASN A 21 -0.04 24.32 27.74
N CYS A 22 -1.07 25.15 27.72
CA CYS A 22 -1.66 25.72 28.93
C CYS A 22 -3.03 25.09 29.14
N VAL A 23 -3.17 24.29 30.19
CA VAL A 23 -4.44 23.63 30.51
C VAL A 23 -4.77 23.90 31.97
N PRO A 24 -5.27 25.10 32.32
CA PRO A 24 -5.54 25.39 33.73
C PRO A 24 -6.48 24.40 34.38
N GLU A 25 -7.48 23.91 33.64
CA GLU A 25 -8.40 22.91 34.14
C GLU A 25 -8.80 22.00 32.98
N ILE A 26 -8.66 20.68 33.18
CA ILE A 26 -8.89 19.75 32.08
C ILE A 26 -10.34 19.79 31.62
N ALA A 27 -11.28 19.81 32.57
CA ALA A 27 -12.70 19.68 32.19
C ALA A 27 -13.13 20.85 31.33
N ASP A 28 -12.83 22.07 31.75
CA ASP A 28 -13.21 23.25 30.98
C ASP A 28 -12.53 23.26 29.62
N THR A 29 -11.25 22.90 29.57
CA THR A 29 -10.53 22.89 28.30
C THR A 29 -11.14 21.89 27.34
N LEU A 30 -11.45 20.68 27.83
CA LEU A 30 -12.09 19.69 26.98
C LEU A 30 -13.44 20.16 26.49
N GLY A 31 -14.24 20.75 27.39
CA GLY A 31 -15.53 21.26 26.96
C GLY A 31 -15.41 22.29 25.86
N ALA A 32 -14.51 23.26 26.04
CA ALA A 32 -14.35 24.31 25.05
C ALA A 32 -13.82 23.74 23.72
N VAL A 33 -12.85 22.83 23.79
CA VAL A 33 -12.28 22.28 22.57
C VAL A 33 -13.32 21.47 21.81
N ALA A 34 -14.11 20.65 22.52
CA ALA A 34 -15.17 19.91 21.87
C ALA A 34 -16.22 20.84 21.27
N LYS A 35 -16.54 21.93 21.98
CA LYS A 35 -17.49 22.90 21.45
C LYS A 35 -16.98 23.50 20.15
N GLN A 36 -15.69 23.82 20.08
CA GLN A 36 -15.13 24.38 18.87
C GLN A 36 -15.21 23.40 17.71
N GLY A 37 -15.29 22.11 17.99
CA GLY A 37 -15.47 21.08 16.97
C GLY A 37 -14.34 20.09 16.84
N PHE A 38 -13.28 20.18 17.64
CA PHE A 38 -12.18 19.24 17.53
C PHE A 38 -12.60 17.87 18.07
N ASP A 39 -11.78 16.87 17.75
CA ASP A 39 -12.08 15.50 18.15
C ASP A 39 -11.29 15.04 19.36
N PHE A 40 -10.03 15.47 19.48
CA PHE A 40 -9.18 15.08 20.60
C PHE A 40 -8.30 16.25 20.99
N LEU A 41 -7.70 16.14 22.16
CA LEU A 41 -6.87 17.20 22.74
C LEU A 41 -5.50 16.65 23.05
N CYS A 42 -4.46 17.27 22.50
CA CYS A 42 -3.08 16.92 22.81
C CYS A 42 -2.58 17.86 23.91
N MET A 43 -2.33 17.30 25.09
CA MET A 43 -1.92 18.10 26.23
C MET A 43 -0.70 17.46 26.87
N PRO A 44 -0.01 18.20 27.76
CA PRO A 44 1.05 17.59 28.56
C PRO A 44 0.48 16.93 29.81
N VAL A 45 0.92 15.70 30.08
CA VAL A 45 0.45 14.99 31.27
C VAL A 45 0.94 15.67 32.54
N PHE A 46 2.23 16.03 32.57
CA PHE A 46 2.81 16.79 33.66
C PHE A 46 2.98 18.24 33.25
N HIS A 47 2.94 19.14 34.22
CA HIS A 47 3.10 20.55 33.91
C HIS A 47 4.44 20.77 33.22
N PRO A 48 4.47 21.41 32.05
CA PRO A 48 5.73 21.47 31.28
C PRO A 48 6.88 22.11 32.04
N ARG A 49 6.61 23.11 32.87
CA ARG A 49 7.66 23.83 33.58
C ARG A 49 8.01 23.20 34.92
N PHE A 50 7.30 22.17 35.34
CA PHE A 50 7.49 21.56 36.66
C PHE A 50 8.64 20.57 36.58
N LYS A 51 9.86 21.10 36.65
CA LYS A 51 11.05 20.26 36.61
C LYS A 51 11.11 19.38 37.85
N ARG A 52 11.58 18.14 37.67
CA ARG A 52 11.64 17.15 38.73
C ARG A 52 13.05 16.60 38.84
N GLU A 53 13.42 16.22 40.06
CA GLU A 53 14.74 15.68 40.36
C GLU A 53 14.61 14.27 40.91
N PHE A 54 15.59 13.43 40.60
CA PHE A 54 15.58 12.04 41.03
C PHE A 54 16.86 11.58 41.71
N ILE A 55 17.95 12.33 41.60
CA ILE A 55 19.24 11.92 42.14
C ILE A 55 19.68 12.85 43.28
N GLN A 56 19.60 14.16 43.08
CA GLN A 56 20.02 15.09 44.11
C GLN A 56 19.14 14.92 45.34
N GLU A 57 19.78 14.98 46.53
CA GLU A 57 19.06 14.63 47.75
C GLU A 57 18.02 15.68 48.13
N PRO A 58 18.37 16.93 48.40
CA PRO A 58 17.35 17.88 48.88
C PRO A 58 16.17 18.05 47.94
N ALA A 59 16.41 18.04 46.63
CA ALA A 59 15.32 18.28 45.68
C ALA A 59 14.40 17.07 45.53
N LYS A 60 14.95 15.86 45.46
CA LYS A 60 14.13 14.70 45.16
C LYS A 60 13.11 14.41 46.26
N ASN A 61 13.32 14.92 47.47
CA ASN A 61 12.36 14.75 48.56
C ASN A 61 11.25 15.80 48.46
N ARG A 62 10.55 15.78 47.34
CA ARG A 62 9.48 16.74 47.08
C ARG A 62 8.16 16.12 47.49
N PRO A 63 7.47 16.63 48.51
CA PRO A 63 6.17 16.08 48.88
C PRO A 63 5.07 16.58 47.96
N GLY A 64 3.87 16.05 48.18
CA GLY A 64 2.70 16.47 47.44
C GLY A 64 2.56 15.76 46.11
N PRO A 65 1.37 15.80 45.53
CA PRO A 65 1.16 15.12 44.25
C PRO A 65 2.01 15.73 43.15
N GLN A 66 2.51 14.86 42.26
CA GLN A 66 3.30 15.34 41.12
C GLN A 66 2.41 15.95 40.04
N THR A 67 1.27 15.35 39.74
CA THR A 67 0.41 15.82 38.68
C THR A 67 -1.04 15.62 39.09
N ARG A 68 -1.94 16.25 38.35
CA ARG A 68 -3.36 16.12 38.63
C ARG A 68 -3.78 14.66 38.56
N SER A 69 -4.63 14.25 39.50
CA SER A 69 -5.05 12.87 39.58
C SER A 69 -5.74 12.43 38.29
N ASP A 70 -5.80 11.10 38.11
CA ASP A 70 -6.47 10.52 36.96
C ASP A 70 -7.98 10.40 37.13
N LEU A 71 -8.50 10.61 38.35
CA LEU A 71 -9.93 10.54 38.58
C LEU A 71 -10.67 11.73 37.99
N LEU A 72 -9.95 12.71 37.44
CA LEU A 72 -10.60 13.92 36.95
C LEU A 72 -11.53 13.61 35.79
N LEU A 73 -11.19 12.62 34.97
CA LEU A 73 -12.00 12.22 33.84
C LEU A 73 -12.39 10.76 33.96
N SER A 74 -13.39 10.36 33.17
CA SER A 74 -13.80 8.98 33.13
C SER A 74 -12.80 8.15 32.34
N GLY A 75 -12.81 6.84 32.59
CA GLY A 75 -11.87 5.96 31.91
C GLY A 75 -11.97 6.00 30.40
N ARG A 76 -13.13 6.36 29.86
CA ARG A 76 -13.31 6.45 28.42
C ARG A 76 -12.66 7.70 27.84
N ASP A 77 -12.71 8.82 28.56
CA ASP A 77 -12.17 10.06 28.02
C ASP A 77 -10.67 9.95 27.73
N TRP A 78 -9.92 9.36 28.66
CA TRP A 78 -8.48 9.23 28.46
C TRP A 78 -8.17 8.41 27.22
N ASN A 79 -8.98 7.39 26.94
CA ASN A 79 -8.68 6.45 25.86
C ASN A 79 -9.04 6.98 24.48
N THR A 80 -9.73 8.13 24.39
CA THR A 80 -10.22 8.58 23.08
C THR A 80 -9.96 10.05 22.82
N LEU A 81 -9.78 10.86 23.86
CA LEU A 81 -9.75 12.30 23.72
C LEU A 81 -8.42 12.95 24.07
N ILE A 82 -7.53 12.25 24.77
CA ILE A 82 -6.31 12.85 25.27
C ILE A 82 -5.10 12.23 24.59
N VAL A 83 -4.15 13.07 24.22
CA VAL A 83 -2.88 12.64 23.66
C VAL A 83 -1.76 13.27 24.48
N GLY A 84 -0.92 12.44 25.08
CA GLY A 84 0.11 12.95 25.95
C GLY A 84 1.30 13.52 25.20
N LYS A 85 1.82 14.63 25.74
CA LYS A 85 2.99 15.28 25.19
C LYS A 85 4.12 15.25 26.21
N LEU A 86 5.31 14.84 25.76
CA LEU A 86 6.47 14.81 26.62
C LEU A 86 6.84 16.22 27.05
N SER A 87 7.31 16.34 28.29
CA SER A 87 7.69 17.65 28.81
C SER A 87 8.85 18.21 27.99
N PRO A 88 8.86 19.52 27.71
CA PRO A 88 9.95 20.08 26.90
C PRO A 88 11.29 20.09 27.61
N TRP A 89 11.31 20.23 28.93
CA TRP A 89 12.57 20.30 29.65
C TRP A 89 13.34 18.99 29.64
N ILE A 90 12.71 17.89 29.24
CA ILE A 90 13.39 16.60 29.15
C ILE A 90 14.22 16.57 27.88
N ARG A 91 15.50 16.17 28.02
CA ARG A 91 16.41 16.06 26.88
C ARG A 91 17.35 14.89 27.12
N PRO A 92 16.94 13.67 26.75
CA PRO A 92 17.76 12.50 27.05
C PRO A 92 19.16 12.55 26.47
N ASP A 93 19.35 13.14 25.29
CA ASP A 93 20.63 13.17 24.63
C ASP A 93 21.48 14.38 25.03
N SER A 94 21.24 14.94 26.21
CA SER A 94 22.10 16.02 26.69
C SER A 94 23.51 15.51 26.89
N LYS A 95 24.47 16.43 26.85
CA LYS A 95 25.88 16.10 26.99
C LYS A 95 26.39 16.28 28.42
N VAL A 96 25.48 16.47 29.37
CA VAL A 96 25.84 16.58 30.79
C VAL A 96 25.25 15.38 31.50
N GLU A 97 26.07 14.69 32.30
CA GLU A 97 25.65 13.42 32.87
C GLU A 97 24.42 13.57 33.75
N LYS A 98 24.40 14.61 34.60
CA LYS A 98 23.26 14.78 35.50
C LYS A 98 21.99 15.11 34.73
N ILE A 99 22.08 16.00 33.75
CA ILE A 99 20.92 16.36 32.96
C ILE A 99 20.38 15.14 32.22
N ARG A 100 21.28 14.36 31.63
CA ARG A 100 20.86 13.17 30.89
C ARG A 100 20.20 12.15 31.82
N ARG A 101 20.77 11.93 33.00
CA ARG A 101 20.20 10.97 33.94
C ARG A 101 18.80 11.41 34.37
N ASN A 102 18.67 12.69 34.73
CA ASN A 102 17.36 13.20 35.12
C ASN A 102 16.37 13.09 33.97
N SER A 103 16.81 13.38 32.75
CA SER A 103 15.92 13.29 31.60
C SER A 103 15.45 11.86 31.38
N GLU A 104 16.36 10.89 31.49
CA GLU A 104 15.96 9.49 31.35
C GLU A 104 14.91 9.13 32.39
N ALA A 105 15.18 9.46 33.66
CA ALA A 105 14.24 9.11 34.71
C ALA A 105 12.88 9.76 34.47
N ALA A 106 12.87 11.05 34.13
CA ALA A 106 11.61 11.76 33.93
C ALA A 106 10.85 11.22 32.72
N MET A 107 11.55 10.90 31.64
CA MET A 107 10.87 10.38 30.46
C MET A 107 10.26 9.02 30.77
N LEU A 108 10.97 8.17 31.49
CA LEU A 108 10.39 6.88 31.87
C LEU A 108 9.18 7.08 32.76
N GLN A 109 9.27 8.00 33.73
CA GLN A 109 8.12 8.28 34.59
C GLN A 109 6.91 8.72 33.76
N GLU A 110 7.13 9.65 32.83
CA GLU A 110 6.01 10.19 32.07
C GLU A 110 5.41 9.13 31.15
N LEU A 111 6.25 8.30 30.52
CA LEU A 111 5.72 7.23 29.69
C LEU A 111 4.92 6.24 30.53
N ASN A 112 5.41 5.89 31.71
CA ASN A 112 4.68 4.98 32.58
C ASN A 112 3.34 5.56 32.99
N PHE A 113 3.32 6.85 33.35
CA PHE A 113 2.06 7.47 33.73
C PHE A 113 1.09 7.52 32.56
N GLY A 114 1.59 7.83 31.37
CA GLY A 114 0.73 7.84 30.20
C GLY A 114 0.12 6.48 29.94
N ALA A 115 0.93 5.42 30.03
CA ALA A 115 0.39 4.07 29.87
C ALA A 115 -0.63 3.77 30.95
N TYR A 116 -0.38 4.21 32.18
CA TYR A 116 -1.32 3.97 33.27
C TYR A 116 -2.66 4.63 33.00
N LEU A 117 -2.64 5.85 32.46
CA LEU A 117 -3.88 6.52 32.13
C LEU A 117 -4.65 5.78 31.05
N GLY A 118 -3.95 5.18 30.11
CA GLY A 118 -4.54 4.57 28.94
C GLY A 118 -4.58 5.45 27.72
N LEU A 119 -3.54 6.27 27.50
CA LEU A 119 -3.59 7.26 26.45
C LEU A 119 -3.48 6.59 25.08
N PRO A 120 -4.37 6.92 24.13
CA PRO A 120 -4.24 6.32 22.79
C PRO A 120 -2.93 6.65 22.10
N ALA A 121 -2.39 7.85 22.32
CA ALA A 121 -1.16 8.26 21.65
C ALA A 121 -0.35 9.16 22.56
N PHE A 122 0.96 9.14 22.38
CA PHE A 122 1.90 9.94 23.17
C PHE A 122 2.85 10.62 22.21
N LEU A 123 3.01 11.93 22.34
CA LEU A 123 3.83 12.72 21.43
C LEU A 123 5.24 12.88 21.98
N LEU A 124 6.24 12.62 21.13
CA LEU A 124 7.63 12.79 21.51
C LEU A 124 8.34 13.59 20.42
N PRO A 125 9.15 14.60 20.77
CA PRO A 125 9.72 15.46 19.74
C PRO A 125 11.04 14.97 19.18
N LEU A 126 11.25 15.16 17.87
CA LEU A 126 12.53 14.88 17.23
C LEU A 126 13.05 16.18 16.63
N ASN A 127 13.74 16.95 17.46
CA ASN A 127 14.29 18.24 17.08
C ASN A 127 15.79 18.29 17.31
N GLN A 128 16.46 17.17 17.05
CA GLN A 128 17.91 17.09 17.26
C GLN A 128 18.49 16.11 16.25
N GLU A 129 19.80 16.26 16.01
CA GLU A 129 20.48 15.35 15.10
C GLU A 129 20.59 13.95 15.69
N ASP A 130 20.85 13.87 16.99
CA ASP A 130 21.04 12.59 17.68
C ASP A 130 19.88 12.35 18.65
N ASN A 131 19.30 11.15 18.58
CA ASN A 131 18.23 10.74 19.47
C ASN A 131 18.44 9.30 19.92
N THR A 132 19.69 8.88 20.06
CA THR A 132 19.99 7.48 20.36
C THR A 132 19.51 7.09 21.75
N ASN A 133 19.84 7.89 22.77
CA ASN A 133 19.44 7.56 24.12
C ASN A 133 17.93 7.63 24.29
N LEU A 134 17.29 8.60 23.66
CA LEU A 134 15.83 8.66 23.67
C LEU A 134 15.25 7.39 23.04
N ALA A 135 15.83 6.95 21.93
CA ALA A 135 15.36 5.72 21.31
C ALA A 135 15.54 4.54 22.24
N ARG A 136 16.66 4.49 22.96
CA ARG A 136 16.90 3.38 23.89
C ARG A 136 15.83 3.36 24.99
N VAL A 137 15.54 4.53 25.56
CA VAL A 137 14.55 4.58 26.63
C VAL A 137 13.18 4.18 26.09
N LEU A 138 12.83 4.67 24.91
CA LEU A 138 11.54 4.32 24.33
C LEU A 138 11.44 2.82 24.06
N THR A 139 12.50 2.23 23.52
CA THR A 139 12.49 0.80 23.26
C THR A 139 12.39 0.00 24.55
N ASN A 140 13.08 0.44 25.59
CA ASN A 140 12.95 -0.22 26.88
C ASN A 140 11.51 -0.16 27.38
N HIS A 141 10.87 1.00 27.24
CA HIS A 141 9.48 1.11 27.68
C HIS A 141 8.56 0.22 26.86
N ILE A 142 8.77 0.15 25.55
CA ILE A 142 7.86 -0.60 24.69
C ILE A 142 7.88 -2.08 25.03
N HIS A 143 9.04 -2.60 25.43
CA HIS A 143 9.20 -4.02 25.71
C HIS A 143 8.94 -4.38 27.17
N THR A 144 8.44 -3.43 27.96
CA THR A 144 8.14 -3.66 29.37
C THR A 144 6.67 -3.41 29.61
N GLY A 145 6.00 -4.37 30.24
CA GLY A 145 4.59 -4.24 30.56
C GLY A 145 3.69 -4.71 29.43
N HIS A 146 2.40 -4.45 29.60
CA HIS A 146 1.37 -4.84 28.65
C HIS A 146 0.52 -3.65 28.23
N HIS A 147 1.19 -2.53 27.91
CA HIS A 147 0.50 -1.34 27.44
C HIS A 147 0.40 -1.36 25.92
N SER A 148 -0.44 -0.47 25.38
CA SER A 148 -0.72 -0.44 23.96
C SER A 148 -0.70 0.96 23.35
N SER A 149 -0.25 1.96 24.08
CA SER A 149 -0.25 3.32 23.55
C SER A 149 0.65 3.41 22.32
N MET A 150 0.19 4.16 21.32
CA MET A 150 1.03 4.49 20.18
C MET A 150 1.90 5.69 20.51
N PHE A 151 3.01 5.80 19.78
CA PHE A 151 3.95 6.90 19.97
C PHE A 151 4.10 7.65 18.65
N TRP A 152 3.86 8.96 18.70
CA TRP A 152 3.93 9.82 17.53
C TRP A 152 5.19 10.68 17.65
N MET A 153 6.10 10.54 16.70
CA MET A 153 7.35 11.28 16.70
C MET A 153 7.15 12.57 15.91
N ARG A 154 6.96 13.67 16.64
CA ARG A 154 6.78 14.99 16.05
C ARG A 154 8.10 15.42 15.44
N VAL A 155 8.19 15.35 14.11
CA VAL A 155 9.41 15.70 13.38
C VAL A 155 9.03 16.72 12.31
N PRO A 156 9.73 17.84 12.19
CA PRO A 156 9.35 18.84 11.20
C PRO A 156 9.83 18.50 9.81
N LEU A 157 9.19 19.12 8.81
CA LEU A 157 9.59 18.92 7.43
C LEU A 157 10.91 19.64 7.14
N VAL A 158 11.11 20.81 7.73
CA VAL A 158 12.32 21.59 7.58
C VAL A 158 12.93 21.81 8.97
N ALA A 159 14.22 21.54 9.10
CA ALA A 159 14.85 21.65 10.39
C ALA A 159 14.76 23.09 10.90
N PRO A 160 14.68 23.29 12.22
CA PRO A 160 14.56 24.67 12.72
C PRO A 160 15.69 25.57 12.27
N GLU A 161 16.91 25.05 12.17
CA GLU A 161 18.05 25.88 11.82
C GLU A 161 17.98 26.41 10.40
N ASP A 162 17.11 25.85 9.55
CA ASP A 162 17.04 26.25 8.15
C ASP A 162 15.97 27.30 7.88
N LEU A 163 14.90 27.33 8.67
CA LEU A 163 13.80 28.25 8.45
C LEU A 163 13.88 29.51 9.29
N ARG A 164 14.97 29.68 10.06
CA ARG A 164 15.13 30.89 10.84
C ARG A 164 15.55 32.06 9.95
N ASP A 165 15.17 33.26 10.36
CA ASP A 165 15.50 34.45 9.61
C ASP A 165 17.01 34.66 9.58
N ASP A 166 17.47 35.42 8.58
CA ASP A 166 18.89 35.75 8.43
C ASP A 166 19.11 37.14 9.01
N ILE A 167 19.23 37.18 10.35
CA ILE A 167 19.37 38.45 11.06
C ILE A 167 20.55 38.37 12.02
N ILE A 168 21.47 37.46 11.78
CA ILE A 168 22.67 37.31 12.61
C ILE A 168 23.88 37.70 11.78
N GLU A 169 24.64 38.68 12.27
CA GLU A 169 25.78 39.20 11.51
C GLU A 169 26.98 38.25 11.56
N ASN A 170 27.15 37.52 12.65
CA ASN A 170 28.30 36.63 12.81
C ASN A 170 28.12 35.27 12.14
N ALA A 171 26.91 34.94 11.72
CA ALA A 171 26.64 33.61 11.14
C ALA A 171 25.56 33.75 10.06
N PRO A 172 25.96 33.91 8.81
CA PRO A 172 24.96 33.95 7.74
C PRO A 172 24.36 32.58 7.47
N THR A 173 23.18 32.59 6.85
CA THR A 173 22.49 31.35 6.54
C THR A 173 23.15 30.65 5.35
N THR A 174 22.93 29.34 5.28
CA THR A 174 23.51 28.49 4.24
C THR A 174 24.93 28.89 3.88
N SER A 180 21.38 17.82 -0.26
CA SER A 180 21.20 16.88 0.84
C SER A 180 20.72 17.60 2.10
N GLY A 181 21.01 18.90 2.19
CA GLY A 181 20.57 19.69 3.32
C GLY A 181 19.07 19.78 3.45
N GLU A 182 18.34 19.55 2.37
CA GLU A 182 16.88 19.61 2.39
C GLU A 182 16.25 18.34 2.98
N GLU A 183 17.02 17.26 3.13
CA GLU A 183 16.50 15.98 3.58
C GLU A 183 16.92 15.62 4.99
N LYS A 184 17.72 16.46 5.66
CA LYS A 184 18.29 16.06 6.94
C LYS A 184 17.21 15.61 7.92
N THR A 185 16.07 16.30 7.92
CA THR A 185 15.00 15.94 8.86
C THR A 185 14.60 14.48 8.69
N TRP A 186 14.42 14.04 7.45
CA TRP A 186 14.06 12.64 7.22
C TRP A 186 15.11 11.71 7.80
N MET A 187 16.39 12.06 7.63
CA MET A 187 17.45 11.23 8.18
C MET A 187 17.31 11.08 9.69
N TRP A 188 16.81 12.12 10.37
CA TRP A 188 16.55 11.99 11.80
C TRP A 188 15.52 10.90 12.06
N TRP A 189 14.44 10.91 11.28
CA TRP A 189 13.39 9.90 11.45
C TRP A 189 13.94 8.51 11.18
N HIS A 190 14.46 8.29 9.97
CA HIS A 190 14.95 6.97 9.58
C HIS A 190 15.83 6.38 10.66
N ASN A 191 16.92 7.07 11.01
CA ASN A 191 17.81 6.58 12.06
C ASN A 191 17.02 6.17 13.29
N PHE A 192 16.20 7.09 13.82
CA PHE A 192 15.39 6.75 14.99
C PHE A 192 14.60 5.48 14.74
N ARG A 193 13.88 5.42 13.62
CA ARG A 193 13.14 4.22 13.28
C ARG A 193 14.04 2.99 13.34
N THR A 194 15.20 3.07 12.71
CA THR A 194 16.11 1.93 12.71
C THR A 194 16.51 1.56 14.13
N LEU A 195 16.75 2.55 14.99
CA LEU A 195 17.13 2.25 16.37
C LEU A 195 16.02 1.48 17.07
N CYS A 196 14.76 1.77 16.74
CA CYS A 196 13.63 1.09 17.36
C CYS A 196 13.22 -0.16 16.61
N ASP A 197 13.89 -0.48 15.50
CA ASP A 197 13.64 -1.73 14.76
C ASP A 197 12.22 -1.73 14.18
N TYR A 198 11.85 -0.64 13.53
CA TYR A 198 10.59 -0.55 12.80
C TYR A 198 9.42 -1.03 13.66
N SER A 199 9.39 -0.56 14.90
CA SER A 199 8.31 -0.94 15.80
C SER A 199 6.96 -0.49 15.24
N LYS A 200 5.95 -1.35 15.37
CA LYS A 200 4.63 -1.01 14.87
C LYS A 200 3.98 0.09 15.70
N ARG A 201 4.54 0.43 16.85
CA ARG A 201 3.94 1.37 17.77
C ARG A 201 4.55 2.77 17.68
N ILE A 202 5.40 3.02 16.69
CA ILE A 202 6.04 4.31 16.50
C ILE A 202 5.61 4.87 15.17
N ALA A 203 4.87 5.97 15.19
CA ALA A 203 4.41 6.65 13.99
C ALA A 203 4.99 8.05 13.95
N VAL A 204 4.73 8.75 12.85
CA VAL A 204 5.27 10.08 12.62
C VAL A 204 4.15 11.10 12.70
N ALA A 205 4.41 12.22 13.37
CA ALA A 205 3.50 13.36 13.42
C ALA A 205 4.17 14.47 12.63
N LEU A 206 3.96 14.47 11.32
CA LEU A 206 4.66 15.39 10.44
C LEU A 206 4.22 16.82 10.72
N GLU A 207 5.16 17.64 11.19
CA GLU A 207 4.88 19.03 11.53
C GLU A 207 5.13 19.90 10.31
N ILE A 208 4.05 20.32 9.64
CA ILE A 208 4.18 21.11 8.42
C ILE A 208 4.82 22.45 8.75
N GLY A 209 5.54 23.01 7.79
CA GLY A 209 6.26 24.25 7.96
C GLY A 209 5.67 25.39 7.15
N ALA A 210 6.33 26.54 7.24
CA ALA A 210 5.84 27.74 6.55
C ALA A 210 6.04 27.61 5.04
N ASP A 211 6.95 26.76 4.61
CA ASP A 211 7.22 26.55 3.19
C ASP A 211 7.53 25.08 2.94
N LEU A 212 7.15 24.60 1.76
CA LEU A 212 7.26 23.19 1.47
C LEU A 212 8.57 22.89 0.72
N PRO A 213 9.10 21.67 0.87
CA PRO A 213 10.30 21.30 0.11
C PRO A 213 9.96 20.84 -1.30
N SER A 214 10.97 20.35 -2.02
CA SER A 214 10.75 19.85 -3.37
C SER A 214 9.74 18.70 -3.36
N ASN A 215 9.18 18.42 -4.53
CA ASN A 215 8.17 17.38 -4.63
C ASN A 215 8.72 16.02 -4.21
N HIS A 216 10.00 15.76 -4.49
CA HIS A 216 10.58 14.46 -4.15
C HIS A 216 10.58 14.24 -2.65
N VAL A 217 10.89 15.27 -1.88
CA VAL A 217 10.91 15.13 -0.41
C VAL A 217 9.53 14.75 0.09
N ILE A 218 8.49 15.42 -0.40
CA ILE A 218 7.13 15.12 0.02
C ILE A 218 6.75 13.71 -0.40
N ASP A 219 7.16 13.30 -1.61
CA ASP A 219 6.85 11.94 -2.06
C ASP A 219 7.48 10.91 -1.15
N ARG A 220 8.74 11.12 -0.77
CA ARG A 220 9.40 10.18 0.13
C ARG A 220 8.70 10.18 1.50
N TRP A 221 8.33 11.35 2.00
CA TRP A 221 7.68 11.43 3.29
C TRP A 221 6.35 10.68 3.29
N LEU A 222 5.58 10.81 2.21
CA LEU A 222 4.26 10.18 2.18
C LEU A 222 4.35 8.66 2.24
N GLY A 223 5.53 8.08 1.96
CA GLY A 223 5.71 6.65 2.14
C GLY A 223 5.91 6.22 3.58
N GLU A 224 6.18 7.16 4.47
CA GLU A 224 6.38 6.85 5.88
C GLU A 224 5.04 6.60 6.57
N PRO A 225 5.06 5.90 7.71
CA PRO A 225 3.80 5.69 8.45
C PRO A 225 3.34 6.95 9.18
N ILE A 226 2.83 7.90 8.41
CA ILE A 226 2.35 9.16 8.97
C ILE A 226 0.96 8.94 9.55
N LYS A 227 0.80 9.20 10.84
CA LYS A 227 -0.50 9.08 11.50
C LYS A 227 -1.15 10.43 11.74
N ALA A 228 -0.37 11.47 11.99
CA ALA A 228 -0.91 12.80 12.22
C ALA A 228 -0.04 13.83 11.53
N ALA A 229 -0.65 14.97 11.21
CA ALA A 229 0.05 16.11 10.65
C ALA A 229 -0.28 17.33 11.49
N ILE A 230 0.76 18.07 11.89
CA ILE A 230 0.60 19.21 12.79
C ILE A 230 0.66 20.49 11.96
N LEU A 231 -0.41 21.26 12.00
CA LEU A 231 -0.50 22.52 11.27
C LEU A 231 -0.40 23.67 12.25
N PRO A 232 0.65 24.49 12.22
CA PRO A 232 0.63 25.72 13.00
C PRO A 232 -0.38 26.71 12.46
N THR A 233 -0.92 27.55 13.35
CA THR A 233 -1.86 28.57 12.94
C THR A 233 -1.21 29.66 12.09
N SER A 234 0.11 29.76 12.11
CA SER A 234 0.81 30.81 11.35
C SER A 234 0.92 30.48 9.87
N ILE A 235 0.66 29.24 9.47
CA ILE A 235 0.73 28.88 8.06
C ILE A 235 -0.39 29.56 7.28
N PHE A 236 -1.60 29.60 7.86
CA PHE A 236 -2.76 30.08 7.13
C PHE A 236 -2.59 31.53 6.71
N LEU A 237 -2.92 31.82 5.46
CA LEU A 237 -2.93 33.19 4.97
C LEU A 237 -4.27 33.86 5.28
N THR A 238 -4.33 35.16 5.06
CA THR A 238 -5.53 35.95 5.26
C THR A 238 -6.17 36.20 3.90
N ASN A 239 -7.45 35.85 3.77
CA ASN A 239 -8.18 36.04 2.53
C ASN A 239 -8.71 37.47 2.48
N LYS A 240 -9.61 37.74 1.52
CA LYS A 240 -10.11 39.09 1.35
C LYS A 240 -11.06 39.48 2.48
N LYS A 241 -11.70 38.51 3.13
CA LYS A 241 -12.62 38.77 4.21
C LYS A 241 -12.03 38.47 5.58
N GLY A 242 -10.73 38.22 5.66
CA GLY A 242 -10.07 38.01 6.93
C GLY A 242 -10.03 36.59 7.42
N PHE A 243 -10.71 35.66 6.74
CA PHE A 243 -10.71 34.28 7.20
C PHE A 243 -9.39 33.61 6.86
N PRO A 244 -8.96 32.64 7.67
CA PRO A 244 -7.72 31.92 7.36
C PRO A 244 -7.87 31.08 6.10
N VAL A 245 -6.76 30.96 5.37
CA VAL A 245 -6.75 30.19 4.13
C VAL A 245 -5.33 29.68 3.91
N LEU A 246 -5.22 28.41 3.54
CA LEU A 246 -3.93 27.83 3.22
C LEU A 246 -3.45 28.31 1.85
N SER A 247 -2.13 28.30 1.68
CA SER A 247 -1.56 28.70 0.41
C SER A 247 -1.92 27.68 -0.68
N LYS A 248 -1.54 28.01 -1.91
CA LYS A 248 -1.96 27.19 -3.04
C LYS A 248 -1.23 25.85 -3.08
N MET A 249 -0.02 25.78 -2.51
CA MET A 249 0.73 24.53 -2.49
C MET A 249 0.46 23.73 -1.22
N HIS A 250 0.28 24.41 -0.09
CA HIS A 250 -0.20 23.73 1.10
C HIS A 250 -1.54 23.06 0.83
N GLN A 251 -2.36 23.66 -0.05
CA GLN A 251 -3.64 23.04 -0.41
C GLN A 251 -3.41 21.68 -1.06
N ARG A 252 -2.50 21.61 -2.03
CA ARG A 252 -2.19 20.35 -2.69
C ARG A 252 -1.61 19.35 -1.71
N LEU A 253 -0.73 19.81 -0.81
CA LEU A 253 -0.16 18.90 0.17
C LEU A 253 -1.23 18.35 1.10
N ILE A 254 -2.18 19.18 1.50
CA ILE A 254 -3.27 18.73 2.36
C ILE A 254 -4.13 17.71 1.62
N PHE A 255 -4.37 17.95 0.33
CA PHE A 255 -5.10 16.95 -0.46
C PHE A 255 -4.35 15.62 -0.47
N ARG A 256 -3.04 15.67 -0.70
CA ARG A 256 -2.25 14.45 -0.74
C ARG A 256 -2.32 13.71 0.60
N LEU A 257 -2.21 14.45 1.70
CA LEU A 257 -2.34 13.82 3.01
C LEU A 257 -3.74 13.24 3.20
N LEU A 258 -4.78 13.95 2.76
CA LEU A 258 -6.13 13.44 2.86
C LEU A 258 -6.34 12.18 2.05
N LYS A 259 -5.53 11.95 1.01
CA LYS A 259 -5.54 10.64 0.38
C LYS A 259 -5.22 9.56 1.41
N LEU A 260 -4.25 9.81 2.28
CA LEU A 260 -4.08 9.02 3.48
C LEU A 260 -5.15 9.42 4.50
N GLU A 261 -5.12 8.79 5.66
CA GLU A 261 -6.09 9.03 6.72
C GLU A 261 -5.42 9.62 7.95
N VAL A 262 -4.48 10.55 7.74
CA VAL A 262 -3.80 11.19 8.85
C VAL A 262 -4.77 12.11 9.58
N GLN A 263 -4.51 12.33 10.86
CA GLN A 263 -5.30 13.23 11.68
C GLN A 263 -4.60 14.56 11.81
N PHE A 264 -5.34 15.66 11.64
CA PHE A 264 -4.77 16.99 11.62
C PHE A 264 -4.85 17.60 13.02
N ILE A 265 -3.71 18.07 13.51
CA ILE A 265 -3.61 18.70 14.82
C ILE A 265 -3.27 20.16 14.60
N ILE A 266 -4.21 21.04 14.90
CA ILE A 266 -4.00 22.48 14.76
C ILE A 266 -3.35 22.98 16.03
N THR A 267 -2.18 23.59 15.89
CA THR A 267 -1.39 24.06 17.02
C THR A 267 -1.12 25.54 16.89
N GLY A 268 -0.79 26.17 18.02
CA GLY A 268 -0.54 27.60 18.08
C GLY A 268 -1.72 28.35 18.64
N THR A 269 -1.66 29.67 18.47
CA THR A 269 -2.71 30.57 18.93
C THR A 269 -3.42 31.21 17.75
N ASN A 270 -4.51 31.90 18.03
CA ASN A 270 -5.33 32.52 17.00
C ASN A 270 -4.64 33.76 16.48
N HIS A 271 -3.96 33.64 15.34
CA HIS A 271 -3.36 34.78 14.68
C HIS A 271 -4.38 35.70 14.02
N HIS A 272 -5.63 35.27 13.93
CA HIS A 272 -6.73 36.09 13.40
C HIS A 272 -7.70 36.33 14.55
N SER A 273 -7.41 37.35 15.36
CA SER A 273 -8.21 37.61 16.54
C SER A 273 -9.63 38.06 16.20
N GLU A 274 -9.83 38.66 15.03
CA GLU A 274 -11.15 39.13 14.63
C GLU A 274 -12.05 38.01 14.16
N LYS A 275 -11.62 36.75 14.26
CA LYS A 275 -12.43 35.60 13.88
C LYS A 275 -12.31 34.52 14.94
N GLU A 276 -13.34 33.69 15.04
CA GLU A 276 -13.31 32.58 15.97
C GLU A 276 -12.29 31.54 15.53
N PHE A 277 -11.65 30.90 16.52
CA PHE A 277 -10.67 29.87 16.21
C PHE A 277 -11.26 28.77 15.34
N CYS A 278 -12.55 28.47 15.50
CA CYS A 278 -13.17 27.39 14.75
C CYS A 278 -12.92 27.53 13.25
N SER A 279 -12.68 28.75 12.78
CA SER A 279 -12.45 28.95 11.35
C SER A 279 -11.31 28.07 10.86
N TYR A 280 -10.19 28.03 11.60
CA TYR A 280 -9.08 27.18 11.21
C TYR A 280 -9.56 25.75 10.97
N LEU A 281 -10.42 25.24 11.84
CA LEU A 281 -11.00 23.92 11.62
C LEU A 281 -11.93 23.94 10.41
N GLN A 282 -12.83 24.92 10.35
CA GLN A 282 -13.85 24.94 9.30
C GLN A 282 -13.20 24.86 7.92
N TYR A 283 -12.20 25.71 7.66
CA TYR A 283 -11.52 25.68 6.38
C TYR A 283 -11.02 24.28 6.07
N LEU A 284 -10.37 23.64 7.05
CA LEU A 284 -9.92 22.27 6.84
C LEU A 284 -11.09 21.39 6.42
N GLU A 285 -12.19 21.46 7.17
CA GLU A 285 -13.37 20.68 6.80
C GLU A 285 -13.80 21.00 5.38
N TYR A 286 -13.75 22.28 4.99
CA TYR A 286 -14.10 22.65 3.62
C TYR A 286 -13.23 21.89 2.63
N LEU A 287 -11.92 21.87 2.85
CA LEU A 287 -11.04 21.14 1.95
C LEU A 287 -11.38 19.66 1.95
N SER A 288 -11.84 19.13 3.09
CA SER A 288 -12.25 17.75 3.14
C SER A 288 -13.50 17.50 2.31
N GLN A 289 -14.42 18.48 2.31
CA GLN A 289 -15.69 18.29 1.61
C GLN A 289 -15.55 18.53 0.11
N ASN A 290 -14.60 19.38 -0.28
CA ASN A 290 -14.35 19.68 -1.69
C ASN A 290 -13.24 18.82 -2.28
N ARG A 291 -12.80 17.79 -1.55
CA ARG A 291 -11.79 16.89 -2.09
C ARG A 291 -12.33 16.21 -3.35
N PRO A 292 -11.47 15.95 -4.33
CA PRO A 292 -11.94 15.27 -5.55
C PRO A 292 -12.61 13.95 -5.20
N PRO A 293 -13.71 13.61 -5.86
CA PRO A 293 -14.47 12.43 -5.46
C PRO A 293 -13.73 11.15 -5.80
N PRO A 294 -13.90 10.09 -5.01
CA PRO A 294 -13.28 8.81 -5.35
C PRO A 294 -13.85 8.25 -6.65
N ASN A 295 -12.99 7.57 -7.41
CA ASN A 295 -13.42 6.92 -8.63
C ASN A 295 -13.96 5.52 -8.31
N ALA A 296 -14.45 4.83 -9.34
CA ALA A 296 -14.99 3.50 -9.13
C ALA A 296 -13.94 2.55 -8.58
N TYR A 297 -12.74 2.60 -9.15
CA TYR A 297 -11.67 1.70 -8.70
C TYR A 297 -11.33 1.95 -7.23
N GLU A 298 -11.17 3.21 -6.85
CA GLU A 298 -10.80 3.52 -5.47
C GLU A 298 -11.91 3.10 -4.52
N LEU A 299 -13.16 3.39 -4.87
CA LEU A 299 -14.28 2.97 -4.04
C LEU A 299 -14.30 1.46 -3.89
N PHE A 300 -14.01 0.74 -4.97
CA PHE A 300 -13.93 -0.72 -4.89
C PHE A 300 -12.83 -1.16 -3.94
N ALA A 301 -11.67 -0.50 -4.00
CA ALA A 301 -10.49 -0.93 -3.25
C ALA A 301 -10.53 -0.52 -1.78
N LYS A 302 -11.46 0.34 -1.38
CA LYS A 302 -11.49 0.82 -0.01
C LYS A 302 -11.59 -0.35 0.97
N GLY A 303 -10.78 -0.31 2.02
CA GLY A 303 -10.76 -1.33 3.04
C GLY A 303 -9.65 -2.36 2.89
N TYR A 304 -8.86 -2.29 1.81
CA TYR A 304 -7.78 -3.24 1.59
C TYR A 304 -6.47 -2.54 1.24
N GLU A 305 -6.31 -1.29 1.65
CA GLU A 305 -5.05 -0.59 1.41
C GLU A 305 -3.97 -1.15 2.31
N ASP A 306 -2.92 -1.70 1.69
CA ASP A 306 -1.80 -2.28 2.42
C ASP A 306 -2.24 -3.47 3.27
N TYR A 307 -3.26 -4.19 2.80
CA TYR A 307 -3.74 -5.40 3.46
C TYR A 307 -3.20 -6.60 2.71
N LEU A 308 -2.12 -7.18 3.22
CA LEU A 308 -1.44 -8.26 2.51
C LEU A 308 -2.35 -9.47 2.37
N GLN A 309 -2.37 -10.04 1.16
CA GLN A 309 -3.15 -11.24 0.86
C GLN A 309 -2.29 -12.20 0.06
N SER A 310 -2.54 -13.49 0.24
CA SER A 310 -1.84 -14.49 -0.55
C SER A 310 -2.50 -14.62 -1.92
N PRO A 311 -1.73 -14.84 -2.99
CA PRO A 311 -2.34 -14.98 -4.30
C PRO A 311 -3.19 -16.24 -4.40
N LEU A 312 -4.02 -16.28 -5.43
CA LEU A 312 -4.84 -17.44 -5.72
C LEU A 312 -4.09 -18.40 -6.66
N GLN A 313 -4.26 -19.69 -6.41
CA GLN A 313 -3.61 -20.75 -7.19
C GLN A 313 -4.68 -21.73 -7.64
N PRO A 314 -5.52 -21.33 -8.60
CA PRO A 314 -6.62 -22.22 -9.01
C PRO A 314 -6.17 -23.57 -9.53
N LEU A 315 -4.98 -23.63 -10.12
CA LEU A 315 -4.52 -24.88 -10.72
C LEU A 315 -4.51 -26.03 -9.72
N MET A 316 -4.29 -25.74 -8.45
CA MET A 316 -4.25 -26.77 -7.41
C MET A 316 -5.39 -26.69 -6.41
N ASP A 317 -5.91 -25.48 -6.14
CA ASP A 317 -6.96 -25.30 -5.16
C ASP A 317 -8.19 -24.70 -5.83
N ASN A 318 -9.34 -25.31 -5.61
CA ASN A 318 -10.58 -24.86 -6.22
C ASN A 318 -11.08 -23.59 -5.54
N LEU A 319 -11.62 -22.68 -6.35
CA LEU A 319 -12.19 -21.45 -5.83
C LEU A 319 -13.59 -21.69 -5.28
N GLU A 320 -14.08 -20.72 -4.52
CA GLU A 320 -15.43 -20.75 -3.98
C GLU A 320 -16.31 -19.79 -4.77
N SER A 321 -17.62 -19.99 -4.66
CA SER A 321 -18.56 -19.18 -5.43
C SER A 321 -18.40 -17.70 -5.12
N GLN A 322 -18.06 -17.37 -3.87
CA GLN A 322 -18.00 -15.97 -3.47
C GLN A 322 -16.72 -15.29 -3.95
N THR A 323 -15.82 -16.04 -4.59
CA THR A 323 -14.70 -15.43 -5.29
C THR A 323 -15.05 -15.17 -6.75
N TYR A 324 -15.72 -16.13 -7.40
CA TYR A 324 -16.26 -15.86 -8.73
C TYR A 324 -17.20 -14.67 -8.69
N GLU A 325 -17.91 -14.47 -7.59
CA GLU A 325 -18.81 -13.33 -7.49
C GLU A 325 -18.04 -12.02 -7.68
N VAL A 326 -16.96 -11.83 -6.93
CA VAL A 326 -16.17 -10.61 -7.09
C VAL A 326 -15.51 -10.58 -8.46
N PHE A 327 -15.07 -11.73 -8.97
CA PHE A 327 -14.50 -11.76 -10.31
C PHE A 327 -15.48 -11.30 -11.37
N GLU A 328 -16.79 -11.48 -11.14
CA GLU A 328 -17.79 -11.12 -12.13
C GLU A 328 -18.20 -9.65 -12.06
N LYS A 329 -17.92 -8.97 -10.94
CA LYS A 329 -18.38 -7.59 -10.80
C LYS A 329 -17.73 -6.67 -11.82
N ASP A 330 -16.52 -6.99 -12.26
CA ASP A 330 -15.80 -6.10 -13.17
C ASP A 330 -16.49 -6.07 -14.53
N PRO A 331 -16.93 -4.91 -15.02
CA PRO A 331 -17.55 -4.86 -16.35
C PRO A 331 -16.55 -4.61 -17.47
N ILE A 332 -15.39 -4.06 -17.12
CA ILE A 332 -14.41 -3.68 -18.15
C ILE A 332 -13.80 -4.92 -18.79
N LYS A 333 -13.40 -5.89 -17.96
CA LYS A 333 -12.68 -7.05 -18.47
C LYS A 333 -13.50 -7.79 -19.51
N TYR A 334 -14.74 -8.11 -19.20
CA TYR A 334 -15.58 -8.87 -20.11
C TYR A 334 -16.02 -8.05 -21.32
N SER A 335 -16.21 -6.75 -21.18
CA SER A 335 -16.46 -5.93 -22.36
C SER A 335 -15.28 -5.96 -23.31
N GLN A 336 -14.05 -5.87 -22.77
CA GLN A 336 -12.87 -5.95 -23.62
C GLN A 336 -12.77 -7.32 -24.28
N TYR A 337 -13.05 -8.39 -23.54
CA TYR A 337 -13.02 -9.73 -24.13
C TYR A 337 -14.04 -9.86 -25.25
N GLN A 338 -15.24 -9.32 -25.03
CA GLN A 338 -16.26 -9.36 -26.08
C GLN A 338 -15.81 -8.61 -27.32
N GLN A 339 -15.20 -7.43 -27.13
CA GLN A 339 -14.70 -6.69 -28.28
C GLN A 339 -13.62 -7.46 -29.02
N ALA A 340 -12.72 -8.11 -28.28
CA ALA A 340 -11.66 -8.89 -28.92
C ALA A 340 -12.24 -10.03 -29.73
N ILE A 341 -13.22 -10.75 -29.16
CA ILE A 341 -13.83 -11.86 -29.87
C ILE A 341 -14.55 -11.35 -31.11
N TYR A 342 -15.24 -10.22 -30.99
CA TYR A 342 -15.93 -9.63 -32.14
C TYR A 342 -14.94 -9.34 -33.26
N LYS A 343 -13.84 -8.69 -32.94
CA LYS A 343 -12.85 -8.35 -33.96
C LYS A 343 -12.25 -9.61 -34.59
N CYS A 344 -11.92 -10.60 -33.77
CA CYS A 344 -11.33 -11.82 -34.30
C CYS A 344 -12.30 -12.54 -35.23
N LEU A 345 -13.57 -12.64 -34.83
CA LEU A 345 -14.55 -13.32 -35.66
C LEU A 345 -14.75 -12.57 -36.98
N LEU A 346 -14.77 -11.24 -36.93
CA LEU A 346 -14.84 -10.48 -38.18
C LEU A 346 -13.64 -10.77 -39.07
N ASP A 347 -12.44 -10.80 -38.48
CA ASP A 347 -11.24 -11.00 -39.28
C ASP A 347 -11.22 -12.39 -39.92
N ARG A 348 -11.58 -13.42 -39.17
CA ARG A 348 -11.41 -14.79 -39.67
C ARG A 348 -12.44 -15.15 -40.72
N VAL A 349 -13.69 -14.74 -40.54
CA VAL A 349 -14.79 -15.15 -41.40
C VAL A 349 -15.12 -13.98 -42.34
N PRO A 350 -14.93 -14.13 -43.65
CA PRO A 350 -15.39 -13.08 -44.57
C PRO A 350 -16.90 -13.10 -44.72
N GLU A 351 -17.43 -12.01 -45.27
CA GLU A 351 -18.87 -11.85 -45.37
C GLU A 351 -19.50 -12.95 -46.23
N GLU A 352 -18.89 -13.26 -47.37
CA GLU A 352 -19.50 -14.21 -48.29
C GLU A 352 -19.64 -15.59 -47.67
N GLU A 353 -18.77 -15.93 -46.72
CA GLU A 353 -18.80 -17.24 -46.07
C GLU A 353 -19.58 -17.21 -44.76
N LYS A 354 -20.31 -16.13 -44.49
CA LYS A 354 -21.02 -16.00 -43.22
C LYS A 354 -22.05 -17.12 -43.04
N ASP A 355 -22.69 -17.55 -44.13
CA ASP A 355 -23.79 -18.49 -44.02
C ASP A 355 -23.36 -19.82 -43.42
N THR A 356 -22.23 -20.37 -43.89
CA THR A 356 -21.86 -21.73 -43.56
C THR A 356 -20.57 -21.86 -42.76
N ASN A 357 -19.73 -20.83 -42.72
CA ASN A 357 -18.47 -20.91 -41.99
C ASN A 357 -18.77 -20.84 -40.50
N VAL A 358 -18.65 -21.98 -39.82
CA VAL A 358 -18.91 -22.08 -38.39
C VAL A 358 -17.57 -22.19 -37.67
N GLN A 359 -17.27 -21.19 -36.85
CA GLN A 359 -16.02 -21.15 -36.10
C GLN A 359 -16.18 -21.85 -34.76
N VAL A 360 -15.13 -22.54 -34.33
CA VAL A 360 -15.13 -23.26 -33.07
C VAL A 360 -14.35 -22.45 -32.04
N LEU A 361 -15.03 -22.08 -30.95
CA LEU A 361 -14.43 -21.37 -29.85
C LEU A 361 -14.32 -22.30 -28.65
N MET A 362 -13.16 -22.30 -28.01
CA MET A 362 -12.94 -23.09 -26.80
C MET A 362 -12.57 -22.13 -25.67
N VAL A 363 -13.46 -22.01 -24.70
CA VAL A 363 -13.18 -21.26 -23.49
C VAL A 363 -12.50 -22.22 -22.52
N LEU A 364 -11.35 -21.81 -21.98
CA LEU A 364 -10.57 -22.62 -21.04
C LEU A 364 -10.67 -21.96 -19.68
N GLY A 365 -11.31 -22.65 -18.73
CA GLY A 365 -11.57 -22.07 -17.43
C GLY A 365 -12.80 -21.19 -17.47
N ALA A 366 -13.93 -21.76 -17.89
CA ALA A 366 -15.15 -20.99 -18.08
C ALA A 366 -15.72 -20.46 -16.77
N GLY A 367 -15.26 -20.96 -15.62
CA GLY A 367 -15.80 -20.48 -14.37
C GLY A 367 -17.30 -20.73 -14.31
N ARG A 368 -18.04 -19.74 -13.84
CA ARG A 368 -19.49 -19.84 -13.71
C ARG A 368 -20.21 -19.33 -14.96
N GLY A 369 -19.51 -19.22 -16.09
CA GLY A 369 -20.12 -18.92 -17.36
C GLY A 369 -20.15 -17.47 -17.80
N PRO A 370 -19.38 -16.58 -17.18
CA PRO A 370 -19.37 -15.19 -17.69
C PRO A 370 -18.73 -15.07 -19.06
N LEU A 371 -17.56 -15.65 -19.25
CA LEU A 371 -16.90 -15.62 -20.55
C LEU A 371 -17.69 -16.35 -21.62
N VAL A 372 -18.42 -17.41 -21.28
CA VAL A 372 -19.30 -18.06 -22.24
C VAL A 372 -20.37 -17.09 -22.73
N ASN A 373 -20.99 -16.36 -21.79
CA ASN A 373 -21.97 -15.35 -22.18
C ASN A 373 -21.34 -14.29 -23.06
N ALA A 374 -20.13 -13.85 -22.71
CA ALA A 374 -19.45 -12.83 -23.52
C ALA A 374 -19.20 -13.34 -24.93
N SER A 375 -18.74 -14.59 -25.07
CA SER A 375 -18.48 -15.14 -26.39
C SER A 375 -19.77 -15.25 -27.20
N LEU A 376 -20.84 -15.74 -26.57
CA LEU A 376 -22.10 -15.85 -27.28
C LEU A 376 -22.59 -14.49 -27.73
N ARG A 377 -22.48 -13.48 -26.87
CA ARG A 377 -22.90 -12.13 -27.24
C ARG A 377 -22.06 -11.59 -28.38
N ALA A 378 -20.75 -11.83 -28.34
CA ALA A 378 -19.89 -11.36 -29.43
C ALA A 378 -20.27 -12.00 -30.75
N ALA A 379 -20.52 -13.31 -30.75
CA ALA A 379 -20.95 -13.99 -31.97
C ALA A 379 -22.29 -13.45 -32.44
N LYS A 380 -23.21 -13.18 -31.51
CA LYS A 380 -24.51 -12.67 -31.89
C LYS A 380 -24.41 -11.31 -32.56
N GLN A 381 -23.59 -10.42 -32.01
CA GLN A 381 -23.47 -9.09 -32.59
C GLN A 381 -22.64 -9.09 -33.87
N ALA A 382 -21.70 -10.03 -34.00
CA ALA A 382 -20.90 -10.13 -35.21
C ALA A 382 -21.64 -10.82 -36.35
N ASP A 383 -22.76 -11.48 -36.07
CA ASP A 383 -23.55 -12.21 -37.05
C ASP A 383 -22.85 -13.46 -37.56
N ARG A 384 -21.82 -13.93 -36.87
CA ARG A 384 -21.09 -15.13 -37.25
C ARG A 384 -21.51 -16.29 -36.37
N ARG A 385 -21.78 -17.44 -37.00
CA ARG A 385 -22.13 -18.64 -36.27
C ARG A 385 -20.90 -19.20 -35.55
N ILE A 386 -21.13 -19.79 -34.38
CA ILE A 386 -20.05 -20.37 -33.59
C ILE A 386 -20.54 -21.61 -32.86
N LYS A 387 -19.64 -22.57 -32.71
CA LYS A 387 -19.79 -23.66 -31.76
C LYS A 387 -18.86 -23.40 -30.58
N LEU A 388 -19.29 -23.82 -29.40
CA LEU A 388 -18.61 -23.44 -28.16
C LEU A 388 -18.34 -24.64 -27.30
N TYR A 389 -17.09 -24.77 -26.82
CA TYR A 389 -16.69 -25.76 -25.85
C TYR A 389 -16.16 -25.05 -24.62
N ALA A 390 -16.81 -25.24 -23.48
CA ALA A 390 -16.43 -24.59 -22.22
C ALA A 390 -15.78 -25.63 -21.32
N VAL A 391 -14.48 -25.50 -21.13
CA VAL A 391 -13.73 -26.43 -20.27
C VAL A 391 -13.61 -25.85 -18.87
N GLU A 392 -13.75 -26.70 -17.87
CA GLU A 392 -13.65 -26.27 -16.48
C GLU A 392 -13.33 -27.49 -15.63
N LYS A 393 -12.47 -27.30 -14.62
CA LYS A 393 -12.06 -28.40 -13.75
C LYS A 393 -12.76 -28.38 -12.39
N ASN A 394 -12.97 -27.20 -11.82
CA ASN A 394 -13.63 -27.11 -10.52
C ASN A 394 -15.03 -27.68 -10.64
N PRO A 395 -15.31 -28.84 -10.05
CA PRO A 395 -16.65 -29.45 -10.23
C PRO A 395 -17.78 -28.55 -9.78
N ASN A 396 -17.57 -27.76 -8.72
CA ASN A 396 -18.63 -26.87 -8.26
C ASN A 396 -19.03 -25.90 -9.36
N ALA A 397 -18.04 -25.30 -10.03
CA ALA A 397 -18.35 -24.44 -11.16
C ALA A 397 -18.96 -25.24 -12.30
N VAL A 398 -18.60 -26.52 -12.43
CA VAL A 398 -19.18 -27.35 -13.48
C VAL A 398 -20.67 -27.54 -13.25
N VAL A 399 -21.11 -27.58 -11.99
CA VAL A 399 -22.54 -27.67 -11.72
C VAL A 399 -23.26 -26.45 -12.28
N THR A 400 -22.73 -25.26 -12.01
CA THR A 400 -23.34 -24.04 -12.52
C THR A 400 -23.32 -24.02 -14.04
N LEU A 401 -22.21 -24.47 -14.64
CA LEU A 401 -22.14 -24.52 -16.10
C LEU A 401 -23.18 -25.47 -16.67
N GLU A 402 -23.37 -26.62 -16.04
CA GLU A 402 -24.40 -27.56 -16.50
C GLU A 402 -25.78 -26.92 -16.43
N ASN A 403 -26.08 -26.22 -15.32
CA ASN A 403 -27.38 -25.58 -15.21
C ASN A 403 -27.57 -24.53 -16.30
N TRP A 404 -26.56 -23.68 -16.49
CA TRP A 404 -26.57 -22.69 -17.56
C TRP A 404 -26.83 -23.34 -18.92
N GLN A 405 -26.13 -24.44 -19.20
CA GLN A 405 -26.28 -25.10 -20.50
C GLN A 405 -27.67 -25.68 -20.66
N PHE A 406 -28.20 -26.32 -19.62
CA PHE A 406 -29.50 -26.97 -19.74
C PHE A 406 -30.62 -25.95 -19.88
N GLU A 407 -30.53 -24.85 -19.16
CA GLU A 407 -31.64 -23.90 -19.13
C GLU A 407 -31.67 -22.98 -20.35
N GLU A 408 -30.53 -22.37 -20.69
CA GLU A 408 -30.54 -21.18 -21.54
C GLU A 408 -29.61 -21.30 -22.75
N TRP A 409 -28.34 -21.69 -22.56
CA TRP A 409 -27.46 -21.82 -23.72
C TRP A 409 -27.95 -22.90 -24.69
N GLY A 410 -28.35 -24.05 -24.17
CA GLY A 410 -28.86 -25.11 -25.01
C GLY A 410 -27.79 -25.91 -25.71
N SER A 411 -28.06 -26.30 -26.96
CA SER A 411 -27.13 -27.14 -27.71
C SER A 411 -25.90 -26.39 -28.19
N GLN A 412 -25.98 -25.06 -28.28
CA GLN A 412 -24.86 -24.29 -28.82
C GLN A 412 -23.60 -24.42 -27.99
N VAL A 413 -23.72 -24.72 -26.70
CA VAL A 413 -22.59 -24.77 -25.78
C VAL A 413 -22.44 -26.19 -25.27
N THR A 414 -21.21 -26.70 -25.30
CA THR A 414 -20.89 -28.03 -24.77
C THR A 414 -19.95 -27.85 -23.59
N VAL A 415 -20.36 -28.33 -22.41
CA VAL A 415 -19.60 -28.16 -21.18
C VAL A 415 -18.75 -29.42 -20.97
N VAL A 416 -17.49 -29.23 -20.62
CA VAL A 416 -16.54 -30.32 -20.41
C VAL A 416 -15.92 -30.14 -19.03
N SER A 417 -15.90 -31.22 -18.25
CA SER A 417 -15.34 -31.22 -16.91
C SER A 417 -14.01 -31.93 -16.91
N SER A 418 -12.95 -31.19 -17.21
CA SER A 418 -11.60 -31.75 -17.26
C SER A 418 -10.58 -30.62 -17.23
N ASP A 419 -9.32 -31.02 -17.06
CA ASP A 419 -8.20 -30.10 -17.15
C ASP A 419 -7.75 -30.01 -18.60
N MET A 420 -7.60 -28.79 -19.13
CA MET A 420 -7.32 -28.69 -20.55
C MET A 420 -6.02 -29.38 -20.92
N ARG A 421 -5.09 -29.53 -19.97
CA ARG A 421 -3.87 -30.27 -20.23
C ARG A 421 -4.11 -31.78 -20.30
N GLU A 422 -5.18 -32.27 -19.70
CA GLU A 422 -5.52 -33.69 -19.75
C GLU A 422 -6.73 -33.99 -20.62
N TRP A 423 -7.26 -33.00 -21.33
CA TRP A 423 -8.46 -33.19 -22.14
C TRP A 423 -8.09 -33.61 -23.56
N VAL A 424 -8.97 -34.39 -24.18
CA VAL A 424 -8.81 -34.84 -25.56
C VAL A 424 -10.00 -34.28 -26.33
N ALA A 425 -9.80 -33.13 -26.97
CA ALA A 425 -10.89 -32.47 -27.67
C ALA A 425 -11.34 -33.29 -28.88
N PRO A 426 -12.62 -33.20 -29.24
CA PRO A 426 -13.10 -33.95 -30.41
C PRO A 426 -12.65 -33.33 -31.73
N GLU A 427 -12.47 -32.01 -31.73
CA GLU A 427 -12.07 -31.30 -32.94
C GLU A 427 -11.21 -30.11 -32.54
N LYS A 428 -10.39 -29.65 -33.49
CA LYS A 428 -9.48 -28.56 -33.22
C LYS A 428 -10.23 -27.22 -33.18
N ALA A 429 -9.65 -26.28 -32.45
CA ALA A 429 -10.31 -25.02 -32.16
C ALA A 429 -9.87 -23.93 -33.13
N ASP A 430 -10.85 -23.19 -33.64
CA ASP A 430 -10.54 -22.01 -34.45
C ASP A 430 -10.07 -20.86 -33.57
N ILE A 431 -10.66 -20.70 -32.40
CA ILE A 431 -10.28 -19.64 -31.46
C ILE A 431 -10.26 -20.22 -30.06
N ILE A 432 -9.25 -19.82 -29.29
CA ILE A 432 -9.15 -20.18 -27.88
C ILE A 432 -9.31 -18.91 -27.06
N VAL A 433 -10.17 -18.96 -26.05
CA VAL A 433 -10.39 -17.83 -25.17
C VAL A 433 -10.18 -18.30 -23.73
N SER A 434 -9.39 -17.55 -22.99
CA SER A 434 -9.12 -17.93 -21.60
C SER A 434 -8.46 -16.78 -20.86
N GLU A 435 -8.95 -16.44 -19.68
CA GLU A 435 -8.26 -15.51 -18.80
C GLU A 435 -7.75 -16.38 -17.67
N LEU A 436 -6.43 -16.40 -17.49
CA LEU A 436 -5.80 -17.11 -16.39
C LEU A 436 -4.67 -16.29 -15.79
N LEU A 437 -4.76 -14.97 -15.84
CA LEU A 437 -3.70 -14.10 -15.39
C LEU A 437 -3.94 -13.69 -13.95
N GLY A 438 -2.86 -13.29 -13.28
CA GLY A 438 -2.93 -12.76 -11.94
C GLY A 438 -2.29 -11.38 -11.88
N SER A 439 -2.06 -10.92 -10.67
CA SER A 439 -1.35 -9.65 -10.47
C SER A 439 -0.12 -9.64 -11.36
N PHE A 440 0.73 -10.66 -11.24
CA PHE A 440 1.75 -10.94 -12.21
C PHE A 440 1.14 -11.75 -13.34
N ALA A 441 1.53 -11.46 -14.58
CA ALA A 441 0.85 -12.04 -15.72
C ALA A 441 0.85 -13.56 -15.65
N ASP A 442 1.99 -14.16 -15.35
CA ASP A 442 2.12 -15.62 -15.28
C ASP A 442 2.04 -16.14 -13.86
N ASN A 443 1.66 -15.30 -12.90
CA ASN A 443 1.57 -15.75 -11.51
C ASN A 443 0.67 -16.97 -11.39
N GLU A 444 -0.35 -17.08 -12.25
CA GLU A 444 -1.38 -18.11 -12.12
C GLU A 444 -1.13 -19.28 -13.07
N LEU A 445 0.09 -19.43 -13.56
CA LEU A 445 0.47 -20.57 -14.41
C LEU A 445 -0.38 -20.61 -15.68
N SER A 446 -0.72 -19.44 -16.21
CA SER A 446 -1.38 -19.41 -17.52
C SER A 446 -0.51 -20.00 -18.62
N PRO A 447 0.79 -19.73 -18.70
CA PRO A 447 1.59 -20.32 -19.78
C PRO A 447 1.58 -21.84 -19.76
N GLU A 448 1.66 -22.44 -18.58
CA GLU A 448 1.72 -23.90 -18.49
C GLU A 448 0.46 -24.53 -19.04
N CYS A 449 -0.71 -23.99 -18.66
CA CYS A 449 -1.97 -24.51 -19.15
C CYS A 449 -2.18 -24.23 -20.63
N LEU A 450 -1.86 -23.02 -21.10
CA LEU A 450 -2.08 -22.69 -22.50
C LEU A 450 -1.17 -23.47 -23.44
N ASP A 451 0.08 -23.71 -23.04
CA ASP A 451 0.97 -24.51 -23.89
C ASP A 451 0.46 -25.93 -24.05
N GLY A 452 -0.06 -26.52 -22.98
CA GLY A 452 -0.71 -27.81 -23.09
C GLY A 452 -1.95 -27.76 -23.96
N ALA A 453 -2.75 -26.70 -23.79
CA ALA A 453 -3.96 -26.55 -24.58
C ALA A 453 -3.67 -26.38 -26.06
N GLN A 454 -2.48 -25.92 -26.42
CA GLN A 454 -2.18 -25.68 -27.82
C GLN A 454 -2.38 -26.93 -28.67
N HIS A 455 -2.27 -28.12 -28.07
CA HIS A 455 -2.28 -29.35 -28.85
C HIS A 455 -3.61 -29.56 -29.59
N PHE A 456 -4.68 -28.86 -29.18
CA PHE A 456 -5.96 -28.95 -29.88
C PHE A 456 -6.36 -27.60 -30.47
N LEU A 457 -5.37 -26.79 -30.84
CA LEU A 457 -5.61 -25.50 -31.47
C LEU A 457 -5.30 -25.60 -32.95
N LYS A 458 -6.23 -25.13 -33.78
CA LYS A 458 -6.03 -25.21 -35.23
C LYS A 458 -4.75 -24.49 -35.63
N ASP A 459 -4.24 -24.85 -36.82
CA ASP A 459 -2.96 -24.32 -37.26
C ASP A 459 -3.01 -22.80 -37.39
N ASP A 460 -4.08 -22.27 -37.98
CA ASP A 460 -4.24 -20.83 -38.15
C ASP A 460 -5.13 -20.21 -37.09
N GLY A 461 -5.47 -20.95 -36.04
CA GLY A 461 -6.28 -20.40 -34.97
C GLY A 461 -5.52 -19.40 -34.14
N VAL A 462 -6.27 -18.66 -33.32
CA VAL A 462 -5.72 -17.61 -32.49
C VAL A 462 -6.07 -17.88 -31.04
N SER A 463 -5.33 -17.24 -30.15
CA SER A 463 -5.52 -17.39 -28.71
C SER A 463 -5.68 -16.01 -28.09
N ILE A 464 -6.60 -15.92 -27.13
CA ILE A 464 -6.89 -14.68 -26.42
C ILE A 464 -6.72 -14.96 -24.93
N PRO A 465 -5.86 -14.23 -24.20
CA PRO A 465 -5.06 -13.11 -24.70
C PRO A 465 -3.94 -13.54 -25.63
N GLY A 466 -3.62 -12.69 -26.61
CA GLY A 466 -2.55 -13.00 -27.53
C GLY A 466 -1.17 -12.84 -26.94
N GLU A 467 -1.02 -12.01 -25.91
CA GLU A 467 0.29 -11.81 -25.32
C GLU A 467 0.13 -11.10 -23.99
N TYR A 468 1.09 -11.30 -23.09
CA TYR A 468 1.09 -10.56 -21.85
C TYR A 468 2.50 -10.40 -21.31
N THR A 469 2.77 -9.24 -20.74
CA THR A 469 4.06 -8.89 -20.16
C THR A 469 3.86 -8.46 -18.72
N SER A 470 4.91 -8.64 -17.91
CA SER A 470 4.89 -8.24 -16.51
C SER A 470 5.98 -7.22 -16.25
N PHE A 471 5.63 -6.16 -15.54
CA PHE A 471 6.52 -5.05 -15.25
C PHE A 471 6.82 -4.99 -13.76
N LEU A 472 8.02 -4.53 -13.43
CA LEU A 472 8.49 -4.53 -12.05
C LEU A 472 9.04 -3.14 -11.73
N ALA A 473 8.80 -2.66 -10.51
CA ALA A 473 9.26 -1.34 -10.11
C ALA A 473 9.61 -1.33 -8.63
N PRO A 474 10.78 -0.83 -8.24
CA PRO A 474 11.10 -0.77 -6.81
C PRO A 474 10.17 0.17 -6.07
N ILE A 475 9.93 -0.13 -4.79
CA ILE A 475 9.07 0.69 -3.94
C ILE A 475 9.71 0.84 -2.57
N SER A 476 9.24 1.84 -1.83
CA SER A 476 9.65 2.08 -0.46
C SER A 476 8.40 2.25 0.39
N SER A 477 8.23 1.39 1.39
CA SER A 477 7.04 1.45 2.23
C SER A 477 7.36 0.75 3.56
N SER A 478 7.60 1.54 4.60
CA SER A 478 7.81 0.97 5.92
C SER A 478 6.56 0.25 6.40
N LYS A 479 5.39 0.74 6.02
CA LYS A 479 4.14 0.11 6.41
C LYS A 479 4.09 -1.34 5.89
N LEU A 480 4.36 -1.53 4.60
CA LEU A 480 4.30 -2.86 4.03
C LEU A 480 5.36 -3.77 4.64
N TYR A 481 6.56 -3.23 4.90
CA TYR A 481 7.58 -4.01 5.58
C TYR A 481 7.11 -4.48 6.94
N ASN A 482 6.46 -3.60 7.69
CA ASN A 482 5.94 -3.98 9.00
C ASN A 482 4.86 -5.05 8.88
N GLU A 483 3.98 -4.93 7.88
CA GLU A 483 2.99 -5.99 7.68
C GLU A 483 3.66 -7.33 7.38
N VAL A 484 4.64 -7.32 6.48
CA VAL A 484 5.33 -8.56 6.12
C VAL A 484 5.95 -9.17 7.37
N ARG A 485 6.58 -8.34 8.21
CA ARG A 485 7.11 -8.86 9.47
C ARG A 485 6.00 -9.40 10.37
N ALA A 486 4.85 -8.73 10.39
CA ALA A 486 3.71 -9.18 11.16
C ALA A 486 3.12 -10.48 10.64
N CYS A 487 3.52 -10.92 9.44
CA CYS A 487 3.04 -12.19 8.92
C CYS A 487 3.86 -13.36 9.47
N ARG A 488 4.51 -13.15 10.61
CA ARG A 488 5.34 -14.18 11.26
C ARG A 488 4.41 -15.26 11.81
N GLU A 489 4.40 -16.40 11.13
CA GLU A 489 3.67 -17.57 11.58
C GLU A 489 4.64 -18.62 12.11
N LYS A 490 4.21 -19.35 13.13
CA LYS A 490 5.05 -20.33 13.78
C LYS A 490 5.00 -21.66 13.05
N ASP A 491 5.97 -22.53 13.37
CA ASP A 491 6.14 -23.82 12.71
C ASP A 491 6.63 -23.68 11.27
N ARG A 492 7.46 -22.68 11.02
CA ARG A 492 8.09 -22.52 9.71
C ARG A 492 9.29 -21.61 9.88
N ASP A 493 10.09 -21.50 8.82
CA ASP A 493 11.30 -20.72 8.87
C ASP A 493 10.95 -19.27 9.26
N PRO A 494 11.62 -18.69 10.26
CA PRO A 494 11.25 -17.33 10.67
C PRO A 494 11.41 -16.29 9.59
N GLU A 495 12.25 -16.53 8.59
CA GLU A 495 12.43 -15.61 7.47
C GLU A 495 11.50 -15.92 6.30
N ALA A 496 10.65 -16.94 6.41
CA ALA A 496 9.83 -17.35 5.28
C ALA A 496 8.85 -16.27 4.84
N GLN A 497 8.41 -15.40 5.73
CA GLN A 497 7.43 -14.39 5.35
C GLN A 497 7.97 -13.42 4.32
N PHE A 498 9.29 -13.24 4.24
CA PHE A 498 9.89 -12.34 3.27
C PHE A 498 10.14 -13.00 1.91
N GLU A 499 10.00 -14.32 1.81
CA GLU A 499 10.36 -15.06 0.61
C GLU A 499 9.15 -15.45 -0.22
N MET A 500 8.02 -14.78 -0.03
CA MET A 500 6.81 -15.09 -0.77
C MET A 500 6.15 -13.79 -1.20
N PRO A 501 5.51 -13.76 -2.36
CA PRO A 501 4.83 -12.55 -2.80
C PRO A 501 3.48 -12.39 -2.12
N TYR A 502 3.00 -11.15 -2.12
CA TYR A 502 1.68 -10.82 -1.57
C TYR A 502 0.95 -9.91 -2.54
N VAL A 503 -0.30 -10.25 -2.84
CA VAL A 503 -1.15 -9.38 -3.65
C VAL A 503 -1.81 -8.38 -2.72
N VAL A 504 -1.56 -7.10 -2.96
CA VAL A 504 -2.05 -6.04 -2.09
C VAL A 504 -2.14 -4.75 -2.87
N ARG A 505 -3.04 -3.88 -2.44
CA ARG A 505 -3.25 -2.56 -3.07
C ARG A 505 -2.29 -1.58 -2.41
N LEU A 506 -1.22 -1.24 -3.12
CA LEU A 506 -0.24 -0.31 -2.58
C LEU A 506 -0.87 1.07 -2.42
N HIS A 507 -0.96 1.54 -1.18
CA HIS A 507 -1.49 2.86 -0.90
C HIS A 507 -0.45 3.72 -0.19
N ASN A 508 0.12 3.20 0.89
CA ASN A 508 1.12 3.91 1.67
C ASN A 508 2.52 3.47 1.24
N PHE A 509 2.91 3.94 0.06
CA PHE A 509 4.19 3.56 -0.53
C PHE A 509 4.69 4.68 -1.43
N HIS A 510 5.98 4.63 -1.71
CA HIS A 510 6.63 5.58 -2.61
C HIS A 510 7.36 4.79 -3.70
N GLN A 511 7.14 5.18 -4.96
CA GLN A 511 7.74 4.49 -6.09
C GLN A 511 9.10 5.12 -6.38
N LEU A 512 10.14 4.28 -6.36
CA LEU A 512 11.50 4.78 -6.58
C LEU A 512 11.78 5.06 -8.05
N SER A 513 11.20 4.27 -8.96
CA SER A 513 11.47 4.44 -10.38
C SER A 513 10.30 3.89 -11.18
N ALA A 514 10.27 4.23 -12.46
CA ALA A 514 9.20 3.76 -13.34
C ALA A 514 9.33 2.26 -13.59
N PRO A 515 8.21 1.56 -13.76
CA PRO A 515 8.30 0.11 -14.01
C PRO A 515 8.98 -0.19 -15.32
N GLN A 516 9.60 -1.38 -15.38
CA GLN A 516 10.25 -1.87 -16.58
C GLN A 516 9.76 -3.28 -16.88
N PRO A 517 9.73 -3.67 -18.16
CA PRO A 517 9.17 -4.97 -18.52
C PRO A 517 10.09 -6.13 -18.16
N CYS A 518 9.47 -7.29 -17.94
CA CYS A 518 10.19 -8.53 -17.70
C CYS A 518 9.25 -9.71 -17.88
N PHE A 519 9.79 -10.82 -18.38
CA PHE A 519 9.01 -12.04 -18.55
C PHE A 519 7.82 -11.85 -19.47
N THR A 520 8.06 -11.56 -20.74
CA THR A 520 7.01 -11.48 -21.75
C THR A 520 6.64 -12.89 -22.20
N PHE A 521 5.35 -13.08 -22.48
CA PHE A 521 4.83 -14.36 -22.95
C PHE A 521 3.89 -14.12 -24.12
N SER A 522 3.95 -15.02 -25.10
CA SER A 522 3.13 -14.94 -26.30
C SER A 522 2.48 -16.29 -26.55
N HIS A 523 1.28 -16.26 -27.12
CA HIS A 523 0.55 -17.47 -27.47
C HIS A 523 -0.06 -17.31 -28.85
N PRO A 524 -0.17 -18.38 -29.64
CA PRO A 524 0.40 -19.70 -29.35
C PRO A 524 1.91 -19.72 -29.60
N ASN A 525 2.65 -20.40 -28.73
CA ASN A 525 4.10 -20.50 -28.85
C ASN A 525 4.43 -21.81 -29.57
N ARG A 526 4.90 -21.69 -30.80
CA ARG A 526 5.18 -22.85 -31.66
C ARG A 526 6.65 -22.89 -32.06
N ASP A 527 7.53 -22.54 -31.14
CA ASP A 527 8.95 -22.72 -31.35
C ASP A 527 9.32 -24.20 -31.22
N PRO A 528 10.49 -24.60 -31.73
CA PRO A 528 10.80 -26.04 -31.75
C PRO A 528 10.70 -26.73 -30.40
N MET A 529 11.14 -26.07 -29.33
CA MET A 529 11.10 -26.66 -27.99
C MET A 529 10.65 -25.59 -27.01
N ILE A 530 9.51 -25.84 -26.36
CA ILE A 530 8.92 -24.83 -25.48
C ILE A 530 9.66 -24.83 -24.15
N ASP A 531 9.96 -23.63 -23.65
CA ASP A 531 10.59 -23.48 -22.34
C ASP A 531 9.98 -22.27 -21.64
N ASN A 532 9.50 -22.47 -20.42
CA ASN A 532 8.83 -21.43 -19.65
C ASN A 532 9.69 -20.89 -18.52
N ASN A 533 10.92 -21.37 -18.36
CA ASN A 533 11.84 -20.78 -17.40
C ASN A 533 12.38 -19.47 -17.94
N ARG A 534 12.52 -18.47 -17.06
CA ARG A 534 12.94 -17.14 -17.49
C ARG A 534 13.93 -16.55 -16.50
N TYR A 535 14.73 -15.61 -16.99
CA TYR A 535 15.71 -14.90 -16.17
C TYR A 535 15.82 -13.48 -16.70
N CYS A 536 15.64 -12.50 -15.81
CA CYS A 536 15.64 -11.09 -16.21
C CYS A 536 16.44 -10.27 -15.22
N THR A 537 17.22 -9.32 -15.73
CA THR A 537 17.97 -8.37 -14.92
C THR A 537 17.44 -6.97 -15.22
N LEU A 538 17.05 -6.25 -14.17
CA LEU A 538 16.48 -4.92 -14.30
C LEU A 538 17.34 -3.91 -13.56
N GLU A 539 17.56 -2.75 -14.17
CA GLU A 539 18.32 -1.67 -13.57
C GLU A 539 17.43 -0.44 -13.48
N PHE A 540 17.24 0.06 -12.25
CA PHE A 540 16.36 1.20 -12.00
C PHE A 540 17.20 2.38 -11.50
N PRO A 541 17.20 3.52 -12.18
CA PRO A 541 17.83 4.71 -11.60
C PRO A 541 17.09 5.19 -10.36
N VAL A 542 17.82 5.86 -9.48
CA VAL A 542 17.27 6.40 -8.24
C VAL A 542 17.60 7.89 -8.18
N GLU A 543 16.66 8.67 -7.65
CA GLU A 543 16.80 10.12 -7.64
C GLU A 543 16.91 10.71 -6.24
N VAL A 544 16.62 9.95 -5.19
CA VAL A 544 16.65 10.46 -3.82
C VAL A 544 17.19 9.40 -2.90
N ASN A 545 17.84 9.84 -1.81
CA ASN A 545 18.31 8.94 -0.78
C ASN A 545 17.11 8.32 -0.08
N THR A 546 16.89 7.02 -0.29
CA THR A 546 15.72 6.35 0.24
C THR A 546 16.03 4.88 0.45
N VAL A 547 15.15 4.21 1.17
CA VAL A 547 15.31 2.80 1.52
C VAL A 547 14.35 1.98 0.68
N LEU A 548 14.89 1.01 -0.05
CA LEU A 548 14.08 0.09 -0.82
C LEU A 548 13.62 -1.06 0.07
N HIS A 549 12.33 -1.33 0.06
CA HIS A 549 11.74 -2.40 0.86
C HIS A 549 11.23 -3.56 0.03
N GLY A 550 11.11 -3.41 -1.28
CA GLY A 550 10.61 -4.47 -2.12
C GLY A 550 10.32 -3.96 -3.51
N PHE A 551 9.77 -4.85 -4.33
CA PHE A 551 9.47 -4.54 -5.72
C PHE A 551 8.00 -4.83 -5.99
N ALA A 552 7.31 -3.87 -6.58
CA ALA A 552 5.92 -4.05 -6.95
C ALA A 552 5.81 -4.49 -8.41
N GLY A 553 4.94 -5.46 -8.65
CA GLY A 553 4.75 -6.04 -9.96
C GLY A 553 3.36 -5.79 -10.52
N TYR A 554 3.33 -5.30 -11.75
CA TYR A 554 2.10 -5.08 -12.52
C TYR A 554 2.15 -5.93 -13.77
N PHE A 555 1.06 -5.96 -14.51
CA PHE A 555 1.01 -6.70 -15.77
C PHE A 555 0.21 -5.94 -16.81
N GLU A 556 0.61 -6.09 -18.06
CA GLU A 556 -0.11 -5.58 -19.23
C GLU A 556 -0.33 -6.74 -20.19
N THR A 557 -1.33 -6.61 -21.05
CA THR A 557 -1.65 -7.72 -21.93
C THR A 557 -2.39 -7.22 -23.17
N VAL A 558 -2.09 -7.85 -24.30
CA VAL A 558 -2.74 -7.59 -25.56
C VAL A 558 -3.64 -8.79 -25.87
N LEU A 559 -4.95 -8.55 -25.91
CA LEU A 559 -5.90 -9.60 -26.23
C LEU A 559 -5.92 -9.88 -27.72
N TYR A 560 -6.19 -8.85 -28.53
CA TYR A 560 -6.20 -9.00 -29.98
C TYR A 560 -5.96 -7.64 -30.60
N GLN A 561 -4.88 -7.51 -31.37
CA GLN A 561 -4.54 -6.25 -32.02
C GLN A 561 -4.47 -5.13 -31.00
N ASP A 562 -5.37 -4.15 -31.08
CA ASP A 562 -5.32 -2.97 -30.23
C ASP A 562 -6.08 -3.14 -28.92
N ILE A 563 -6.84 -4.23 -28.76
CA ILE A 563 -7.55 -4.46 -27.51
C ILE A 563 -6.57 -4.91 -26.45
N THR A 564 -6.56 -4.22 -25.31
CA THR A 564 -5.56 -4.46 -24.29
C THR A 564 -6.19 -4.32 -22.90
N LEU A 565 -5.53 -4.96 -21.94
CA LEU A 565 -5.81 -4.76 -20.52
C LEU A 565 -4.51 -4.43 -19.82
N SER A 566 -4.60 -3.73 -18.70
CA SER A 566 -3.38 -3.34 -18.00
C SER A 566 -3.74 -2.81 -16.63
N ILE A 567 -2.83 -3.02 -15.68
CA ILE A 567 -2.88 -2.42 -14.36
C ILE A 567 -1.64 -1.58 -14.08
N ARG A 568 -0.79 -1.39 -15.08
CA ARG A 568 0.39 -0.56 -14.90
C ARG A 568 -0.06 0.88 -14.60
N PRO A 569 0.59 1.57 -13.65
CA PRO A 569 0.04 2.86 -13.21
C PRO A 569 -0.17 3.86 -14.33
N GLU A 570 0.75 3.93 -15.29
CA GLU A 570 0.65 4.96 -16.33
C GLU A 570 -0.26 4.57 -17.49
N THR A 571 -0.74 3.31 -17.52
CA THR A 571 -1.67 2.89 -18.57
C THR A 571 -2.79 2.03 -17.98
N HIS A 572 -3.18 2.30 -16.75
CA HIS A 572 -4.23 1.51 -16.11
C HIS A 572 -5.52 1.59 -16.92
N SER A 573 -6.16 0.44 -17.12
CA SER A 573 -7.42 0.42 -17.83
C SER A 573 -8.49 1.13 -17.02
N PRO A 574 -9.30 2.01 -17.61
CA PRO A 574 -10.28 2.76 -16.83
C PRO A 574 -11.25 1.87 -16.05
N GLY A 575 -11.17 1.92 -14.73
CA GLY A 575 -12.17 1.27 -13.90
C GLY A 575 -12.04 -0.23 -13.79
N MET A 576 -10.98 -0.83 -14.31
CA MET A 576 -10.78 -2.27 -14.25
C MET A 576 -10.12 -2.59 -12.91
N PHE A 577 -10.90 -3.11 -11.97
CA PHE A 577 -10.45 -3.32 -10.60
C PHE A 577 -10.31 -4.80 -10.26
N SER A 578 -10.24 -5.67 -11.26
CA SER A 578 -10.16 -7.10 -10.98
C SER A 578 -8.85 -7.45 -10.28
N TRP A 579 -7.74 -6.87 -10.73
CA TRP A 579 -6.41 -7.25 -10.26
C TRP A 579 -5.78 -6.14 -9.44
N PHE A 580 -5.09 -6.52 -8.38
CA PHE A 580 -4.26 -5.61 -7.60
C PHE A 580 -2.79 -5.87 -7.91
N PRO A 581 -1.92 -4.88 -7.68
CA PRO A 581 -0.49 -5.12 -7.85
C PRO A 581 -0.02 -6.23 -6.94
N ILE A 582 1.17 -6.76 -7.24
CA ILE A 582 1.81 -7.78 -6.43
C ILE A 582 3.02 -7.15 -5.76
N LEU A 583 3.48 -7.74 -4.66
CA LEU A 583 4.61 -7.22 -3.90
C LEU A 583 5.56 -8.36 -3.62
N PHE A 584 6.82 -8.20 -4.04
CA PHE A 584 7.92 -9.08 -3.69
C PHE A 584 8.77 -8.38 -2.65
N PRO A 585 8.74 -8.79 -1.39
CA PRO A 585 9.57 -8.12 -0.38
C PRO A 585 10.99 -8.65 -0.37
N ILE A 586 11.84 -7.95 0.37
CA ILE A 586 13.22 -8.38 0.60
C ILE A 586 13.49 -8.36 2.10
N LYS A 587 14.39 -9.24 2.53
CA LYS A 587 14.55 -9.48 3.96
C LYS A 587 15.01 -8.23 4.69
N GLN A 588 16.01 -7.54 4.14
CA GLN A 588 16.60 -6.38 4.78
C GLN A 588 16.42 -5.15 3.90
N PRO A 589 15.97 -4.02 4.45
CA PRO A 589 15.87 -2.81 3.62
C PRO A 589 17.22 -2.46 3.01
N ILE A 590 17.19 -1.98 1.78
CA ILE A 590 18.40 -1.65 1.03
C ILE A 590 18.47 -0.13 0.95
N THR A 591 19.42 0.48 1.65
CA THR A 591 19.58 1.92 1.58
C THR A 591 20.25 2.29 0.27
N VAL A 592 19.68 3.27 -0.44
CA VAL A 592 20.17 3.68 -1.74
C VAL A 592 20.28 5.20 -1.74
N ARG A 593 21.32 5.69 -2.40
CA ARG A 593 21.60 7.12 -2.48
C ARG A 593 21.35 7.62 -3.91
N GLU A 594 21.15 8.93 -4.01
CA GLU A 594 20.90 9.54 -5.31
C GLU A 594 22.05 9.24 -6.27
N GLY A 595 21.70 8.97 -7.53
CA GLY A 595 22.67 8.67 -8.55
C GLY A 595 23.05 7.21 -8.64
N GLN A 596 22.58 6.38 -7.72
CA GLN A 596 22.86 4.95 -7.76
C GLN A 596 21.83 4.23 -8.63
N THR A 597 22.12 2.97 -8.93
CA THR A 597 21.25 2.14 -9.76
C THR A 597 20.92 0.86 -8.99
N ILE A 598 19.63 0.58 -8.83
CA ILE A 598 19.20 -0.66 -8.19
C ILE A 598 19.13 -1.74 -9.26
N CYS A 599 19.92 -2.80 -9.08
CA CYS A 599 20.03 -3.89 -10.05
C CYS A 599 19.39 -5.13 -9.41
N VAL A 600 18.19 -5.44 -9.83
CA VAL A 600 17.48 -6.61 -9.31
C VAL A 600 17.49 -7.68 -10.39
N ARG A 601 17.37 -8.93 -9.95
CA ARG A 601 17.38 -10.07 -10.86
C ARG A 601 16.28 -11.03 -10.44
N PHE A 602 15.48 -11.44 -11.42
CA PHE A 602 14.33 -12.33 -11.20
C PHE A 602 14.49 -13.59 -12.03
N TRP A 603 14.20 -14.74 -11.41
CA TRP A 603 14.21 -16.02 -12.08
C TRP A 603 12.84 -16.65 -11.91
N ARG A 604 12.26 -17.10 -13.02
CA ARG A 604 11.04 -17.91 -13.00
C ARG A 604 11.45 -19.34 -13.30
N CYS A 605 11.38 -20.20 -12.29
CA CYS A 605 11.89 -21.56 -12.37
C CYS A 605 10.76 -22.56 -12.22
N SER A 606 10.97 -23.74 -12.81
CA SER A 606 10.00 -24.82 -12.77
C SER A 606 10.73 -26.15 -12.82
N ASN A 607 10.05 -27.20 -12.36
CA ASN A 607 10.62 -28.54 -12.36
C ASN A 607 9.60 -29.59 -12.80
N SER A 608 8.63 -29.19 -13.62
CA SER A 608 7.57 -30.05 -14.13
C SER A 608 6.60 -30.50 -13.05
N LYS A 609 6.77 -30.07 -11.80
CA LYS A 609 5.85 -30.42 -10.74
C LYS A 609 5.44 -29.16 -9.97
N LYS A 610 6.31 -28.16 -9.96
CA LYS A 610 6.03 -26.91 -9.27
C LYS A 610 6.72 -25.78 -10.01
N VAL A 611 6.27 -24.56 -9.72
CA VAL A 611 6.83 -23.35 -10.31
C VAL A 611 7.03 -22.32 -9.19
N TRP A 612 8.14 -21.59 -9.26
CA TRP A 612 8.42 -20.59 -8.24
C TRP A 612 9.20 -19.44 -8.84
N TYR A 613 9.30 -18.36 -8.06
CA TYR A 613 10.03 -17.16 -8.45
C TYR A 613 11.12 -16.90 -7.42
N GLU A 614 12.33 -16.64 -7.90
CA GLU A 614 13.45 -16.24 -7.06
C GLU A 614 13.86 -14.83 -7.43
N TRP A 615 14.29 -14.04 -6.45
CA TRP A 615 14.66 -12.66 -6.71
C TRP A 615 15.82 -12.24 -5.82
N ALA A 616 16.72 -11.43 -6.36
CA ALA A 616 17.89 -11.00 -5.62
C ALA A 616 18.32 -9.61 -6.07
N VAL A 617 18.68 -8.76 -5.10
CA VAL A 617 19.22 -7.44 -5.38
C VAL A 617 20.74 -7.51 -5.39
N THR A 618 21.36 -6.81 -6.35
CA THR A 618 22.81 -6.92 -6.53
C THR A 618 23.56 -5.60 -6.53
N ALA A 619 23.05 -4.52 -7.12
CA ALA A 619 23.90 -3.36 -7.35
C ALA A 619 24.15 -2.55 -6.07
N PRO A 620 23.11 -2.02 -5.42
CA PRO A 620 23.37 -1.19 -4.23
C PRO A 620 24.15 -1.94 -3.16
N VAL A 621 23.61 -3.06 -2.69
CA VAL A 621 24.32 -3.96 -1.78
C VAL A 621 23.78 -5.37 -2.02
N CYS A 622 24.65 -6.30 -2.44
CA CYS A 622 24.23 -7.64 -2.77
C CYS A 622 23.41 -8.26 -1.64
N SER A 623 22.17 -8.63 -1.93
CA SER A 623 21.29 -9.29 -0.97
C SER A 623 21.21 -10.78 -1.28
N ALA A 624 20.67 -11.52 -0.33
CA ALA A 624 20.56 -12.96 -0.49
C ALA A 624 19.51 -13.32 -1.54
N ILE A 625 19.68 -14.49 -2.15
CA ILE A 625 18.72 -14.98 -3.13
C ILE A 625 17.48 -15.46 -2.39
N HIS A 626 16.36 -14.78 -2.61
CA HIS A 626 15.14 -15.08 -1.89
C HIS A 626 14.42 -16.27 -2.50
N ASN A 627 13.76 -17.06 -1.66
CA ASN A 627 12.97 -18.20 -2.09
C ASN A 627 13.76 -19.13 -3.01
N PRO A 628 14.95 -19.56 -2.61
CA PRO A 628 15.68 -20.54 -3.42
C PRO A 628 14.93 -21.85 -3.52
N THR A 629 15.01 -22.47 -4.69
CA THR A 629 14.36 -23.75 -4.96
C THR A 629 12.95 -23.81 -4.41
N GLY A 630 12.25 -22.68 -4.40
CA GLY A 630 10.86 -22.66 -3.96
C GLY A 630 10.66 -23.19 -2.56
N ARG A 631 11.55 -22.89 -1.63
CA ARG A 631 11.42 -23.41 -0.27
C ARG A 631 10.34 -22.68 0.52
N SER A 632 9.97 -21.47 0.11
CA SER A 632 9.02 -20.66 0.86
C SER A 632 7.75 -20.33 0.09
N TYR A 633 7.71 -20.55 -1.22
CA TYR A 633 6.52 -20.24 -2.00
C TYR A 633 6.60 -20.96 -3.34
N THR A 634 5.58 -21.75 -3.65
CA THR A 634 5.50 -22.46 -4.92
C THR A 634 4.06 -22.55 -5.33
N ILE A 635 3.84 -22.65 -6.64
CA ILE A 635 2.50 -22.82 -7.20
C ILE A 635 2.42 -24.23 -7.77
N GLY A 636 1.47 -25.01 -7.28
CA GLY A 636 1.35 -26.38 -7.74
C GLY A 636 1.11 -26.44 -9.24
N LEU A 637 1.82 -27.36 -9.89
CA LEU A 637 1.67 -27.57 -11.33
C LEU A 637 1.21 -28.98 -11.61
N GLY B 118 -11.80 -13.29 -0.53
CA GLY B 118 -10.85 -12.14 -0.63
C GLY B 118 -11.00 -11.38 -1.93
N ARG B 119 -11.69 -10.25 -1.86
CA ARG B 119 -11.88 -9.41 -3.04
C ARG B 119 -10.56 -8.81 -3.50
N GLY B 120 -10.49 -8.52 -4.80
CA GLY B 120 -9.24 -8.15 -5.43
C GLY B 120 -8.70 -9.33 -6.22
N ARG B 121 -7.49 -9.77 -5.89
CA ARG B 121 -6.93 -11.00 -6.44
C ARG B 121 -6.19 -11.77 -5.37
N GLY B 122 -6.74 -11.78 -4.15
CA GLY B 122 -6.12 -12.46 -3.04
C GLY B 122 -7.15 -13.20 -2.22
N ARG B 123 -6.65 -14.05 -1.31
CA ARG B 123 -7.52 -14.84 -0.45
C ARG B 123 -7.83 -14.09 0.84
N SFG C . -13.38 -14.74 -15.25
CA SFG C . -13.08 -16.15 -14.86
C SFG C . -14.35 -16.99 -14.99
O SFG C . -14.30 -18.00 -15.74
OXT SFG C . -15.35 -16.61 -14.33
CB SFG C . -12.52 -16.21 -13.44
CG SFG C . -11.52 -17.32 -13.15
CD SFG C . -11.78 -18.61 -13.94
NE SFG C . -13.04 -19.24 -13.45
C5' SFG C . -10.63 -19.60 -13.76
C4' SFG C . -11.04 -21.05 -13.88
O4' SFG C . -10.03 -21.80 -14.58
C3' SFG C . -11.27 -21.77 -12.55
O3' SFG C . -12.54 -22.42 -12.55
C2' SFG C . -10.15 -22.82 -12.50
O2' SFG C . -10.59 -23.99 -11.84
C1' SFG C . -9.92 -23.06 -13.98
N9 SFG C . -8.62 -23.63 -14.30
C8 SFG C . -7.37 -23.17 -13.94
N7 SFG C . -6.39 -23.95 -14.31
C5 SFG C . -7.03 -25.01 -14.96
C6 SFG C . -6.55 -26.18 -15.56
N6 SFG C . -5.25 -26.47 -15.71
N1 SFG C . -7.46 -27.02 -16.10
C2 SFG C . -8.76 -26.71 -16.03
N3 SFG C . -9.32 -25.63 -15.47
C4 SFG C . -8.40 -24.82 -14.95
HN1 SFG C . -12.56 -14.42 -15.19
HN2 SFG C . -13.57 -14.60 -16.09
HA SFG C . -12.43 -16.46 -15.52
HB1 SFG C . -13.27 -16.27 -12.80
HB2 SFG C . -12.08 -15.36 -13.25
HG1 SFG C . -10.61 -17.02 -13.34
HG2 SFG C . -11.54 -17.52 -12.19
HD SFG C . -11.90 -18.43 -14.89
HNE1 SFG C . -13.44 -19.65 -14.13
HNE2 SFG C . -12.94 -19.82 -12.80
H5'1 SFG C . -9.96 -19.39 -14.45
H5'2 SFG C . -10.17 -19.46 -12.91
H4' SFG C . -11.85 -21.11 -14.42
H3' SFG C . -11.26 -21.18 -11.77
HO3' SFG C . -12.76 -22.51 -11.74
H2' SFG C . -9.36 -22.45 -12.07
HO2' SFG C . -11.10 -23.73 -11.21
H1' SFG C . -10.60 -23.64 -14.38
H8 SFG C . -7.26 -22.32 -13.47
HN61 SFG C . -4.64 -25.91 -15.41
HN62 SFG C . -5.03 -27.22 -16.10
H2 SFG C . -9.37 -27.35 -16.44
HN3 SFG C . -13.86 -14.27 -14.67
HNE3 SFG C . -13.63 -18.64 -13.18
#